data_6KSU
#
_entry.id   6KSU
#
_cell.length_a   49.738
_cell.length_b   150.370
_cell.length_c   64.771
_cell.angle_alpha   90.000
_cell.angle_beta   110.710
_cell.angle_gamma   90.000
#
_symmetry.space_group_name_H-M   'P 1 21 1'
#
loop_
_entity.id
_entity.type
_entity.pdbx_description
1 polymer 'Alpha/beta hydrolase'
2 non-polymer 'SULFATE ION'
3 non-polymer 'MALONATE ION'
4 non-polymer 'YTTRIUM (III) ION'
5 water water
#
_entity_poly.entity_id   1
_entity_poly.type   'polypeptide(L)'
_entity_poly.pdbx_seq_one_letter_code
;MGSSHHHHHHSSGLVPRGSHMGAEGAERDAVGALFEELVREHRVTGAQLSVYRDGALSEYATGLASVRTGEPVTPRTGFP
FGSVTKFLTAELVMQFVCDGDLDLDDPLAGLLPDLGRAAGPPLGTATVRQLLSHTAGVVDSIEYDEMRGPSYRRFAAACA
RQPALFPPGLAFSYSNTGYCLLGAVIEAASGMDWWTAMDSCLLRPLGIEPAFLHDPRPGQGGAARPVAEGHALRAGGERA
EHVDHMASLSLAAAGGLVGSATDLVTAARPHLADRKTFAQHDLLPEDAVLAMRTCVPDAEPFGLADGWGLGLMRHGTGDG
AWYGHDGAVGGASCNLRIHPDRSLALALTANSTAGPKLWEALVARLPEAGLDVGHYALPVPDSAPLAPDAGHLGTYANGD
LELMVTHDAAGDLFLTRESYSDYRLSLHEDDLFVARSGEPGALPITGRFVREHPAGPVALLQYGGRAMHRL
;
_entity_poly.pdbx_strand_id   A,B
#
loop_
_chem_comp.id
_chem_comp.type
_chem_comp.name
_chem_comp.formula
MLI non-polymer 'MALONATE ION' 'C3 H2 O4 -2'
SO4 non-polymer 'SULFATE ION' 'O4 S -2'
YT3 non-polymer 'YTTRIUM (III) ION' 'Y 3'
#
# COMPACT_ATOMS: atom_id res chain seq x y z
N GLY A 22 -15.91 -11.52 14.90
CA GLY A 22 -17.05 -12.40 14.79
C GLY A 22 -17.72 -12.37 13.44
N ALA A 23 -18.86 -11.70 13.35
CA ALA A 23 -19.65 -11.66 12.13
C ALA A 23 -19.08 -10.73 11.06
N GLU A 24 -18.27 -9.73 11.45
CA GLU A 24 -17.56 -8.94 10.44
C GLU A 24 -16.48 -9.78 9.74
N GLY A 25 -15.76 -10.61 10.50
CA GLY A 25 -14.77 -11.48 9.89
C GLY A 25 -15.38 -12.47 8.92
N ALA A 26 -16.57 -12.98 9.24
CA ALA A 26 -17.29 -13.81 8.29
C ALA A 26 -17.57 -13.06 6.99
N GLU A 27 -17.92 -11.78 7.08
CA GLU A 27 -18.28 -11.03 5.88
C GLU A 27 -17.08 -10.84 4.95
N ARG A 28 -15.94 -10.42 5.51
CA ARG A 28 -14.75 -10.26 4.69
C ARG A 28 -14.37 -11.55 4.01
N ASP A 29 -14.55 -12.68 4.70
CA ASP A 29 -14.28 -13.98 4.09
C ASP A 29 -15.23 -14.23 2.94
N ALA A 30 -16.52 -13.94 3.15
CA ALA A 30 -17.50 -14.12 2.07
C ALA A 30 -17.19 -13.22 0.89
N VAL A 31 -16.67 -12.02 1.13
CA VAL A 31 -16.42 -11.13 0.00
C VAL A 31 -15.26 -11.66 -0.83
N GLY A 32 -14.13 -11.94 -0.18
CA GLY A 32 -13.02 -12.57 -0.89
C GLY A 32 -13.42 -13.84 -1.61
N ALA A 33 -14.19 -14.70 -0.95
CA ALA A 33 -14.65 -15.92 -1.59
C ALA A 33 -15.57 -15.59 -2.77
N LEU A 34 -16.40 -14.56 -2.62
CA LEU A 34 -17.25 -14.14 -3.73
C LEU A 34 -16.42 -13.60 -4.88
N PHE A 35 -15.49 -12.70 -4.58
CA PHE A 35 -14.60 -12.11 -5.58
C PHE A 35 -13.85 -13.19 -6.37
N GLU A 36 -13.32 -14.20 -5.66
CA GLU A 36 -12.59 -15.26 -6.34
C GLU A 36 -13.50 -16.06 -7.28
N GLU A 37 -14.66 -16.48 -6.79
CA GLU A 37 -15.59 -17.21 -7.64
C GLU A 37 -15.92 -16.41 -8.89
N LEU A 38 -16.22 -15.10 -8.72
CA LEU A 38 -16.70 -14.33 -9.87
C LEU A 38 -15.59 -13.98 -10.85
N VAL A 39 -14.36 -13.79 -10.38
CA VAL A 39 -13.24 -13.55 -11.30
C VAL A 39 -13.06 -14.76 -12.21
N ARG A 40 -13.07 -15.97 -11.63
CA ARG A 40 -12.92 -17.19 -12.41
C ARG A 40 -14.11 -17.38 -13.33
N GLU A 41 -15.32 -17.32 -12.78
CA GLU A 41 -16.54 -17.54 -13.57
C GLU A 41 -16.62 -16.64 -14.80
N HIS A 42 -16.18 -15.38 -14.70
CA HIS A 42 -16.11 -14.52 -15.89
C HIS A 42 -14.73 -14.51 -16.54
N ARG A 43 -13.80 -15.32 -16.04
CA ARG A 43 -12.44 -15.46 -16.57
C ARG A 43 -11.77 -14.11 -16.83
N VAL A 44 -11.75 -13.29 -15.77
CA VAL A 44 -10.95 -12.07 -15.76
C VAL A 44 -9.47 -12.41 -15.63
N THR A 45 -8.63 -11.77 -16.45
CA THR A 45 -7.19 -12.00 -16.38
C THR A 45 -6.64 -11.74 -14.98
N GLY A 46 -6.99 -10.59 -14.41
CA GLY A 46 -6.52 -10.20 -13.09
C GLY A 46 -7.41 -9.11 -12.56
N ALA A 47 -7.44 -8.98 -11.23
CA ALA A 47 -8.36 -8.01 -10.65
C ALA A 47 -7.90 -7.67 -9.25
N GLN A 48 -8.31 -6.49 -8.81
CA GLN A 48 -8.16 -6.09 -7.42
C GLN A 48 -9.50 -5.60 -6.93
N LEU A 49 -9.83 -5.97 -5.69
CA LEU A 49 -11.00 -5.46 -4.99
C LEU A 49 -10.54 -5.02 -3.62
N SER A 50 -10.82 -3.78 -3.26
CA SER A 50 -10.47 -3.28 -1.94
C SER A 50 -11.73 -2.71 -1.33
N VAL A 51 -12.02 -3.08 -0.08
CA VAL A 51 -13.20 -2.64 0.64
C VAL A 51 -12.76 -2.05 1.97
N TYR A 52 -13.12 -0.78 2.21
CA TYR A 52 -12.99 -0.19 3.52
C TYR A 52 -14.37 -0.21 4.17
N ARG A 53 -14.45 -0.82 5.36
CA ARG A 53 -15.73 -1.01 6.03
C ARG A 53 -15.47 -1.32 7.50
N ASP A 54 -16.22 -0.65 8.37
CA ASP A 54 -16.10 -0.82 9.82
C ASP A 54 -14.72 -0.41 10.32
N GLY A 55 -14.17 0.66 9.73
CA GLY A 55 -12.89 1.20 10.10
C GLY A 55 -11.67 0.44 9.61
N ALA A 56 -11.84 -0.65 8.86
CA ALA A 56 -10.66 -1.39 8.44
C ALA A 56 -10.78 -1.77 6.97
N LEU A 57 -9.62 -2.10 6.41
CA LEU A 57 -9.47 -2.31 4.97
C LEU A 57 -9.29 -3.79 4.67
N SER A 58 -10.00 -4.27 3.64
CA SER A 58 -9.80 -5.60 3.07
C SER A 58 -9.22 -5.41 1.68
N GLU A 59 -8.17 -6.18 1.36
CA GLU A 59 -7.49 -6.07 0.06
C GLU A 59 -7.47 -7.45 -0.60
N TYR A 60 -8.17 -7.57 -1.71
CA TYR A 60 -8.19 -8.81 -2.47
C TYR A 60 -7.52 -8.55 -3.80
N ALA A 61 -6.78 -9.53 -4.30
CA ALA A 61 -6.05 -9.40 -5.55
C ALA A 61 -5.76 -10.77 -6.08
N THR A 62 -5.93 -10.95 -7.39
CA THR A 62 -5.78 -12.28 -7.98
C THR A 62 -5.39 -12.15 -9.43
N GLY A 63 -4.85 -13.24 -9.97
CA GLY A 63 -4.65 -13.33 -11.41
C GLY A 63 -3.37 -12.69 -11.89
N LEU A 64 -3.36 -12.34 -13.18
CA LEU A 64 -2.16 -12.03 -13.93
C LEU A 64 -2.15 -10.55 -14.35
N ALA A 65 -1.04 -9.86 -14.05
CA ALA A 65 -0.85 -8.50 -14.54
C ALA A 65 -0.68 -8.49 -16.05
N SER A 66 -0.02 -9.52 -16.58
CA SER A 66 0.15 -9.72 -18.01
C SER A 66 0.05 -11.21 -18.26
N VAL A 67 -0.61 -11.58 -19.36
CA VAL A 67 -0.61 -13.00 -19.70
C VAL A 67 0.71 -13.35 -20.36
N ARG A 68 1.24 -12.44 -21.19
CA ARG A 68 2.52 -12.62 -21.85
C ARG A 68 3.60 -12.91 -20.83
N THR A 69 3.91 -11.92 -19.99
CA THR A 69 4.66 -12.13 -18.75
C THR A 69 3.91 -13.19 -17.98
N GLY A 70 4.50 -13.85 -17.02
CA GLY A 70 3.53 -14.51 -16.19
C GLY A 70 3.12 -13.73 -14.97
N GLU A 71 3.42 -12.43 -14.90
CA GLU A 71 3.53 -11.77 -13.60
C GLU A 71 2.18 -11.72 -12.86
N PRO A 72 2.15 -12.10 -11.59
CA PRO A 72 0.91 -11.95 -10.80
C PRO A 72 0.55 -10.51 -10.48
N VAL A 73 -0.76 -10.30 -10.31
CA VAL A 73 -1.32 -9.09 -9.73
C VAL A 73 -1.02 -9.08 -8.24
N THR A 74 -0.44 -7.99 -7.75
CA THR A 74 -0.31 -7.75 -6.33
C THR A 74 -1.08 -6.50 -5.97
N PRO A 75 -1.27 -6.23 -4.67
CA PRO A 75 -1.90 -4.94 -4.29
C PRO A 75 -1.11 -3.73 -4.75
N ARG A 76 0.17 -3.88 -5.06
CA ARG A 76 0.95 -2.80 -5.62
C ARG A 76 0.62 -2.53 -7.08
N THR A 77 0.24 -3.58 -7.83
CA THR A 77 -0.02 -3.45 -9.26
C THR A 77 -0.97 -2.29 -9.55
N GLY A 78 -0.56 -1.44 -10.51
CA GLY A 78 -1.42 -0.37 -10.99
C GLY A 78 -2.21 -0.75 -12.23
N PHE A 79 -3.49 -0.44 -12.20
CA PHE A 79 -4.46 -0.61 -13.28
C PHE A 79 -4.88 0.75 -13.82
N PRO A 80 -5.19 0.85 -15.10
CA PRO A 80 -5.72 2.14 -15.61
C PRO A 80 -7.05 2.48 -14.94
N PHE A 81 -7.12 3.68 -14.37
CA PHE A 81 -8.36 4.11 -13.78
C PHE A 81 -9.39 4.47 -14.85
N GLY A 82 -8.96 4.68 -16.09
CA GLY A 82 -9.87 5.31 -17.05
C GLY A 82 -10.45 6.60 -16.53
N SER A 83 -11.73 6.80 -16.82
CA SER A 83 -12.43 8.00 -16.38
C SER A 83 -12.54 8.12 -14.86
N VAL A 84 -12.21 7.06 -14.11
CA VAL A 84 -12.19 7.22 -12.67
C VAL A 84 -11.16 8.27 -12.29
N THR A 85 -10.21 8.56 -13.20
CA THR A 85 -9.26 9.65 -13.01
C THR A 85 -9.94 10.98 -12.65
N LYS A 86 -11.18 11.18 -13.12
CA LYS A 86 -11.87 12.45 -12.91
C LYS A 86 -12.13 12.71 -11.43
N PHE A 87 -12.27 11.65 -10.64
CA PHE A 87 -12.46 11.83 -9.21
C PHE A 87 -11.21 12.39 -8.55
N LEU A 88 -10.03 12.03 -9.05
CA LEU A 88 -8.80 12.56 -8.44
C LEU A 88 -8.51 13.96 -8.95
N THR A 89 -8.76 14.18 -10.24
CA THR A 89 -8.69 15.53 -10.80
C THR A 89 -9.65 16.47 -10.06
N ALA A 90 -10.88 16.02 -9.83
CA ALA A 90 -11.82 16.82 -9.05
C ALA A 90 -11.28 17.06 -7.67
N GLU A 91 -10.70 16.02 -7.07
CA GLU A 91 -10.13 16.17 -5.74
C GLU A 91 -8.99 17.18 -5.76
N LEU A 92 -8.16 17.13 -6.80
CA LEU A 92 -7.08 18.09 -6.96
C LEU A 92 -7.62 19.50 -7.10
N VAL A 93 -8.63 19.68 -7.96
CA VAL A 93 -9.23 21.00 -8.16
C VAL A 93 -9.81 21.53 -6.85
N MET A 94 -10.48 20.65 -6.10
CA MET A 94 -11.09 21.09 -4.86
C MET A 94 -10.05 21.52 -3.83
N GLN A 95 -8.85 20.92 -3.85
CA GLN A 95 -7.78 21.38 -2.94
C GLN A 95 -7.46 22.85 -3.18
N PHE A 96 -7.33 23.25 -4.46
CA PHE A 96 -6.95 24.63 -4.77
C PHE A 96 -8.04 25.60 -4.35
N VAL A 97 -9.29 25.17 -4.48
CA VAL A 97 -10.42 25.97 -4.03
C VAL A 97 -10.31 26.24 -2.54
N CYS A 98 -10.00 25.20 -1.76
CA CYS A 98 -9.99 25.35 -0.31
C CYS A 98 -8.84 26.24 0.15
N ASP A 99 -7.68 26.15 -0.49
CA ASP A 99 -6.64 27.12 -0.16
C ASP A 99 -6.96 28.52 -0.68
N GLY A 100 -8.13 28.71 -1.30
CA GLY A 100 -8.50 29.97 -1.88
C GLY A 100 -7.75 30.35 -3.13
N ASP A 101 -6.90 29.45 -3.63
CA ASP A 101 -6.18 29.64 -4.89
C ASP A 101 -7.08 29.56 -6.12
N LEU A 102 -8.35 29.17 -6.00
CA LEU A 102 -9.17 28.90 -7.17
C LEU A 102 -10.64 29.05 -6.84
N ASP A 103 -11.37 29.75 -7.70
CA ASP A 103 -12.75 30.09 -7.44
C ASP A 103 -13.70 29.20 -8.25
N LEU A 104 -14.58 28.51 -7.54
CA LEU A 104 -15.45 27.51 -8.16
C LEU A 104 -16.42 28.14 -9.14
N ASP A 105 -16.73 29.43 -8.96
CA ASP A 105 -17.62 30.18 -9.83
C ASP A 105 -16.85 31.23 -10.62
N ASP A 106 -15.53 31.05 -10.77
CA ASP A 106 -14.94 32.06 -11.65
C ASP A 106 -15.08 31.64 -13.12
N PRO A 107 -15.35 32.60 -14.00
CA PRO A 107 -15.41 32.30 -15.43
C PRO A 107 -14.05 31.97 -15.99
N LEU A 108 -14.00 30.96 -16.87
CA LEU A 108 -12.74 30.49 -17.43
C LEU A 108 -11.97 31.57 -18.17
N ALA A 109 -12.64 32.64 -18.60
CA ALA A 109 -11.94 33.69 -19.36
C ALA A 109 -10.89 34.38 -18.50
N GLY A 110 -11.20 34.63 -17.22
CA GLY A 110 -10.22 35.23 -16.32
C GLY A 110 -9.09 34.31 -15.94
N LEU A 111 -9.25 33.00 -16.14
CA LEU A 111 -8.22 32.04 -15.81
C LEU A 111 -7.29 31.73 -16.97
N LEU A 112 -7.81 31.77 -18.20
CA LEU A 112 -6.99 31.44 -19.37
C LEU A 112 -7.59 32.05 -20.63
N PRO A 113 -6.89 33.01 -21.27
CA PRO A 113 -7.32 33.80 -22.43
C PRO A 113 -8.07 33.02 -23.50
N PRO A 122 -16.83 32.61 -25.59
CA PRO A 122 -18.02 31.80 -25.32
C PRO A 122 -17.79 30.77 -24.21
N LEU A 123 -16.85 29.84 -24.43
CA LEU A 123 -16.46 28.92 -23.37
C LEU A 123 -15.88 29.69 -22.19
N GLY A 124 -15.43 30.93 -22.42
CA GLY A 124 -14.89 31.75 -21.37
C GLY A 124 -15.89 32.11 -20.29
N THR A 125 -17.18 31.93 -20.56
CA THR A 125 -18.23 32.24 -19.59
C THR A 125 -18.64 31.02 -18.77
N ALA A 126 -18.12 29.83 -19.08
CA ALA A 126 -18.37 28.67 -18.23
C ALA A 126 -17.45 28.72 -16.99
N THR A 127 -17.76 27.87 -16.01
CA THR A 127 -17.07 27.88 -14.72
C THR A 127 -16.47 26.52 -14.36
N VAL A 128 -15.43 26.59 -13.54
CA VAL A 128 -14.89 25.38 -12.91
C VAL A 128 -16.01 24.52 -12.32
N ARG A 129 -16.97 25.14 -11.63
CA ARG A 129 -18.07 24.34 -11.06
C ARG A 129 -18.85 23.60 -12.15
N GLN A 130 -19.10 24.26 -13.29
CA GLN A 130 -19.79 23.58 -14.38
C GLN A 130 -18.93 22.51 -15.01
N LEU A 131 -17.63 22.76 -15.13
CA LEU A 131 -16.74 21.74 -15.69
C LEU A 131 -16.78 20.48 -14.84
N LEU A 132 -16.60 20.64 -13.53
CA LEU A 132 -16.61 19.49 -12.61
C LEU A 132 -17.86 18.63 -12.78
N SER A 133 -18.99 19.27 -13.10
CA SER A 133 -20.29 18.64 -13.08
C SER A 133 -20.78 18.27 -14.46
N HIS A 134 -19.95 18.51 -15.48
CA HIS A 134 -20.32 18.25 -16.87
C HIS A 134 -21.52 19.09 -17.31
N THR A 135 -21.64 20.30 -16.78
CA THR A 135 -22.75 21.16 -17.18
C THR A 135 -22.25 22.40 -17.89
N ALA A 136 -21.09 22.33 -18.53
CA ALA A 136 -20.55 23.52 -19.16
C ALA A 136 -20.85 23.60 -20.65
N GLY A 137 -21.47 22.58 -21.22
CA GLY A 137 -21.76 22.61 -22.63
C GLY A 137 -20.57 22.32 -23.51
N VAL A 138 -19.49 21.78 -22.96
CA VAL A 138 -18.35 21.35 -23.75
C VAL A 138 -18.68 20.01 -24.41
N VAL A 139 -18.26 19.86 -25.67
CA VAL A 139 -18.39 18.59 -26.36
C VAL A 139 -17.54 17.53 -25.66
N ASP A 140 -17.76 16.26 -26.00
CA ASP A 140 -17.08 15.18 -25.29
C ASP A 140 -15.62 15.04 -25.72
N SER A 141 -15.35 14.95 -27.02
CA SER A 141 -14.02 14.69 -27.54
C SER A 141 -13.63 15.71 -28.60
N ILE A 142 -12.40 16.19 -28.51
CA ILE A 142 -11.80 17.14 -29.46
C ILE A 142 -10.41 16.64 -29.83
N GLU A 143 -10.14 16.50 -31.13
CA GLU A 143 -8.82 16.16 -31.62
C GLU A 143 -7.77 17.12 -31.08
N TYR A 144 -6.88 16.63 -30.22
CA TYR A 144 -5.65 17.35 -29.95
C TYR A 144 -4.52 16.36 -29.80
N ASP A 145 -4.37 15.47 -30.79
CA ASP A 145 -3.21 14.62 -30.89
C ASP A 145 -1.95 15.42 -31.18
N GLU A 146 -2.08 16.73 -31.30
CA GLU A 146 -1.00 17.65 -31.52
C GLU A 146 -0.29 18.06 -30.22
N MET A 147 -0.77 17.61 -29.05
CA MET A 147 -0.14 17.93 -27.77
C MET A 147 1.07 17.05 -27.50
N ARG A 148 2.16 17.66 -27.06
CA ARG A 148 3.34 16.83 -26.84
C ARG A 148 3.96 16.99 -25.47
N GLY A 149 3.99 18.19 -24.92
CA GLY A 149 4.60 18.40 -23.61
C GLY A 149 3.60 18.19 -22.49
N PRO A 150 4.00 18.50 -21.26
CA PRO A 150 3.06 18.43 -20.13
C PRO A 150 2.10 19.60 -20.00
N SER A 151 2.25 20.68 -20.77
CA SER A 151 1.33 21.80 -20.63
C SER A 151 0.03 21.57 -21.40
N TYR A 152 -1.07 21.97 -20.80
CA TYR A 152 -2.38 21.96 -21.44
C TYR A 152 -2.75 23.32 -22.06
N ARG A 153 -1.79 24.23 -22.23
CA ARG A 153 -2.12 25.60 -22.63
C ARG A 153 -2.60 25.66 -24.08
N ARG A 154 -1.81 25.15 -25.02
CA ARG A 154 -2.24 25.11 -26.42
C ARG A 154 -3.59 24.40 -26.55
N PHE A 155 -3.84 23.39 -25.71
CA PHE A 155 -5.07 22.62 -25.81
C PHE A 155 -6.27 23.47 -25.44
N ALA A 156 -6.11 24.30 -24.41
CA ALA A 156 -7.14 25.25 -24.01
C ALA A 156 -7.61 26.08 -25.19
N ALA A 157 -6.66 26.62 -25.97
CA ALA A 157 -7.04 27.41 -27.14
C ALA A 157 -7.88 26.59 -28.11
N ALA A 158 -7.43 25.37 -28.42
CA ALA A 158 -8.12 24.55 -29.41
C ALA A 158 -9.57 24.30 -29.04
N CYS A 159 -9.86 24.17 -27.73
CA CYS A 159 -11.26 24.03 -27.33
C CYS A 159 -12.07 25.26 -27.72
N ALA A 160 -11.46 26.44 -27.59
CA ALA A 160 -12.17 27.69 -27.84
C ALA A 160 -12.69 27.74 -29.27
N ARG A 161 -11.91 27.24 -30.24
CA ARG A 161 -12.36 27.17 -31.62
C ARG A 161 -13.27 25.97 -31.89
N GLN A 162 -14.16 25.67 -30.96
CA GLN A 162 -15.07 24.54 -31.09
C GLN A 162 -16.43 25.02 -30.62
N PRO A 163 -17.48 24.84 -31.42
CA PRO A 163 -18.81 25.28 -31.00
C PRO A 163 -19.25 24.56 -29.73
N ALA A 164 -19.80 25.33 -28.80
CA ALA A 164 -20.36 24.76 -27.59
C ALA A 164 -21.61 23.95 -27.91
N LEU A 165 -22.07 23.20 -26.92
CA LEU A 165 -23.21 22.31 -27.10
C LEU A 165 -24.53 23.06 -26.88
N PHE A 166 -24.52 24.03 -25.99
CA PHE A 166 -25.62 24.87 -25.52
C PHE A 166 -24.97 25.83 -24.53
N PRO A 167 -25.66 26.84 -24.00
CA PRO A 167 -24.99 27.77 -23.08
C PRO A 167 -24.69 27.10 -21.76
N PRO A 168 -23.62 27.52 -21.08
CA PRO A 168 -23.17 26.81 -19.87
C PRO A 168 -24.25 26.76 -18.79
N GLY A 169 -24.57 25.54 -18.36
CA GLY A 169 -25.48 25.34 -17.25
C GLY A 169 -26.84 24.79 -17.60
N LEU A 170 -27.18 24.66 -18.88
CA LEU A 170 -28.54 24.31 -19.27
C LEU A 170 -28.79 22.80 -19.19
N ALA A 171 -27.75 21.97 -19.26
CA ALA A 171 -27.98 20.53 -19.21
C ALA A 171 -26.69 19.76 -18.95
N PHE A 172 -26.84 18.55 -18.41
CA PHE A 172 -25.71 17.65 -18.22
C PHE A 172 -25.27 17.08 -19.57
N SER A 173 -23.97 17.13 -19.84
CA SER A 173 -23.41 16.34 -20.94
C SER A 173 -22.00 15.92 -20.58
N TYR A 174 -21.77 14.60 -20.52
CA TYR A 174 -20.46 14.09 -20.09
C TYR A 174 -19.38 14.54 -21.07
N SER A 175 -18.23 14.94 -20.54
CA SER A 175 -17.22 15.58 -21.36
C SER A 175 -15.83 15.26 -20.81
N ASN A 176 -15.07 14.44 -21.52
CA ASN A 176 -13.66 14.26 -21.21
C ASN A 176 -12.91 15.57 -21.40
N THR A 177 -13.26 16.30 -22.45
CA THR A 177 -12.61 17.57 -22.75
C THR A 177 -12.83 18.59 -21.64
N GLY A 178 -14.02 18.57 -21.03
CA GLY A 178 -14.24 19.43 -19.89
C GLY A 178 -13.22 19.21 -18.80
N TYR A 179 -12.84 17.95 -18.57
CA TYR A 179 -11.87 17.72 -17.53
C TYR A 179 -10.45 18.01 -18.01
N CYS A 180 -10.19 17.84 -19.31
CA CYS A 180 -8.89 18.26 -19.82
C CYS A 180 -8.71 19.77 -19.65
N LEU A 181 -9.79 20.53 -19.77
CA LEU A 181 -9.73 21.96 -19.43
C LEU A 181 -9.47 22.17 -17.95
N LEU A 182 -9.96 21.26 -17.09
CA LEU A 182 -9.62 21.38 -15.69
C LEU A 182 -8.12 21.21 -15.46
N GLY A 183 -7.46 20.42 -16.31
CA GLY A 183 -6.01 20.35 -16.26
C GLY A 183 -5.35 21.68 -16.59
N ALA A 184 -5.87 22.38 -17.60
CA ALA A 184 -5.35 23.70 -17.89
C ALA A 184 -5.61 24.66 -16.74
N VAL A 185 -6.77 24.55 -16.10
CA VAL A 185 -7.09 25.40 -14.96
C VAL A 185 -6.12 25.16 -13.82
N ILE A 186 -5.94 23.89 -13.42
CA ILE A 186 -4.98 23.53 -12.39
C ILE A 186 -3.61 24.09 -12.71
N GLU A 187 -3.22 24.01 -13.99
CA GLU A 187 -1.89 24.47 -14.39
C GLU A 187 -1.78 25.99 -14.26
N ALA A 188 -2.83 26.73 -14.65
CA ALA A 188 -2.78 28.18 -14.47
C ALA A 188 -2.94 28.59 -13.01
N ALA A 189 -3.57 27.77 -12.18
CA ALA A 189 -3.86 28.15 -10.79
C ALA A 189 -2.67 27.89 -9.88
N SER A 190 -2.22 26.65 -9.82
CA SER A 190 -0.85 26.38 -9.41
C SER A 190 0.05 26.93 -10.50
N GLY A 191 1.35 26.70 -10.40
CA GLY A 191 2.16 26.99 -11.55
C GLY A 191 2.74 25.71 -12.11
N MET A 192 2.12 24.57 -11.78
CA MET A 192 2.63 23.28 -12.22
C MET A 192 1.69 22.61 -13.21
N ASP A 193 2.28 21.81 -14.10
CA ASP A 193 1.49 20.98 -14.99
C ASP A 193 0.64 19.99 -14.21
N TRP A 194 -0.39 19.44 -14.89
CA TRP A 194 -1.33 18.57 -14.20
C TRP A 194 -0.65 17.36 -13.54
N TRP A 195 0.30 16.73 -14.23
CA TRP A 195 1.02 15.60 -13.64
C TRP A 195 1.73 15.99 -12.35
N THR A 196 2.56 17.05 -12.42
CA THR A 196 3.32 17.45 -11.25
C THR A 196 2.41 17.80 -10.09
N ALA A 197 1.33 18.53 -10.38
CA ALA A 197 0.41 18.94 -9.32
C ALA A 197 -0.35 17.74 -8.76
N MET A 198 -0.84 16.85 -9.64
CA MET A 198 -1.49 15.63 -9.16
C MET A 198 -0.56 14.85 -8.24
N ASP A 199 0.69 14.67 -8.65
CA ASP A 199 1.65 13.96 -7.80
C ASP A 199 1.86 14.69 -6.47
N SER A 200 2.38 15.92 -6.53
CA SER A 200 2.82 16.59 -5.31
C SER A 200 1.68 17.05 -4.41
N CYS A 201 0.50 17.34 -4.96
CA CYS A 201 -0.55 17.86 -4.08
C CYS A 201 -1.51 16.81 -3.55
N LEU A 202 -1.57 15.63 -4.15
CA LEU A 202 -2.63 14.69 -3.78
C LEU A 202 -2.12 13.26 -3.68
N LEU A 203 -1.50 12.76 -4.73
CA LEU A 203 -1.04 11.37 -4.73
C LEU A 203 0.02 11.16 -3.64
N ARG A 204 1.04 12.03 -3.61
CA ARG A 204 2.12 11.87 -2.64
C ARG A 204 1.63 11.92 -1.19
N PRO A 205 0.94 12.96 -0.72
CA PRO A 205 0.47 12.94 0.67
C PRO A 205 -0.48 11.81 0.98
N LEU A 206 -1.17 11.24 -0.03
CA LEU A 206 -2.04 10.09 0.24
C LEU A 206 -1.26 8.78 0.34
N GLY A 207 -0.01 8.75 -0.11
CA GLY A 207 0.74 7.52 -0.13
C GLY A 207 0.63 6.75 -1.43
N ILE A 208 0.12 7.37 -2.49
CA ILE A 208 -0.14 6.70 -3.76
C ILE A 208 1.10 6.84 -4.63
N GLU A 209 1.65 5.72 -5.07
CA GLU A 209 2.71 5.76 -6.05
C GLU A 209 2.16 6.25 -7.39
N PRO A 210 2.63 7.37 -7.91
CA PRO A 210 2.06 7.93 -9.13
C PRO A 210 2.41 7.10 -10.36
N ALA A 211 1.41 6.89 -11.22
CA ALA A 211 1.66 6.24 -12.49
C ALA A 211 0.61 6.74 -13.48
N PHE A 212 1.00 6.79 -14.75
CA PHE A 212 0.17 7.39 -15.78
C PHE A 212 0.24 6.51 -17.01
N LEU A 213 -0.86 6.52 -17.80
CA LEU A 213 -0.84 5.99 -19.15
C LEU A 213 0.33 6.57 -19.94
N HIS A 214 0.45 7.89 -19.93
CA HIS A 214 1.56 8.58 -20.58
C HIS A 214 2.05 9.72 -19.70
N ASP A 215 3.34 9.73 -19.44
CA ASP A 215 3.99 10.82 -18.70
C ASP A 215 4.93 11.56 -19.64
N PRO A 216 4.58 12.77 -20.09
CA PRO A 216 5.46 13.50 -21.03
C PRO A 216 6.62 14.21 -20.36
N ARG A 217 6.80 14.10 -19.05
CA ARG A 217 7.92 14.82 -18.47
C ARG A 217 9.16 13.95 -18.46
N PRO A 218 10.36 14.50 -18.64
CA PRO A 218 11.55 13.69 -18.41
C PRO A 218 11.56 13.17 -16.99
N GLY A 219 11.45 14.07 -16.01
CA GLY A 219 11.27 13.67 -14.63
C GLY A 219 12.58 13.24 -14.02
N GLN A 220 12.55 12.13 -13.31
CA GLN A 220 13.75 11.47 -12.84
C GLN A 220 13.69 10.02 -13.32
N GLY A 221 14.52 9.16 -12.73
CA GLY A 221 14.57 7.76 -13.04
C GLY A 221 14.07 6.89 -11.90
N GLY A 222 14.52 5.65 -11.90
CA GLY A 222 14.08 4.67 -10.94
C GLY A 222 13.18 3.63 -11.57
N ALA A 223 12.95 2.56 -10.80
CA ALA A 223 12.08 1.48 -11.28
C ALA A 223 10.65 1.98 -11.42
N ALA A 224 10.01 1.64 -12.54
CA ALA A 224 8.63 2.05 -12.75
C ALA A 224 7.68 1.19 -11.93
N ARG A 225 6.50 1.72 -11.65
CA ARG A 225 5.53 0.96 -10.89
C ARG A 225 5.04 -0.21 -11.74
N PRO A 226 4.95 -1.42 -11.19
CA PRO A 226 4.43 -2.53 -11.99
C PRO A 226 2.98 -2.22 -12.35
N VAL A 227 2.67 -2.41 -13.63
CA VAL A 227 1.37 -2.06 -14.18
C VAL A 227 0.74 -3.29 -14.79
N ALA A 228 -0.60 -3.29 -14.83
CA ALA A 228 -1.35 -4.32 -15.49
C ALA A 228 -1.59 -3.93 -16.92
N GLU A 229 -1.46 -4.90 -17.82
CA GLU A 229 -1.89 -4.74 -19.20
C GLU A 229 -3.35 -5.17 -19.35
N GLY A 230 -3.96 -4.67 -20.44
CA GLY A 230 -5.33 -5.03 -20.79
C GLY A 230 -5.41 -6.29 -21.67
N HIS A 231 -6.57 -6.93 -21.62
CA HIS A 231 -6.77 -8.25 -22.20
C HIS A 231 -8.19 -8.34 -22.75
N ALA A 232 -8.35 -9.16 -23.79
CA ALA A 232 -9.65 -9.42 -24.41
C ALA A 232 -9.62 -10.78 -25.09
N LEU A 233 -10.72 -11.51 -24.99
CA LEU A 233 -10.83 -12.79 -25.67
C LEU A 233 -10.85 -12.60 -27.18
N ARG A 234 -9.95 -13.28 -27.87
CA ARG A 234 -9.95 -13.30 -29.31
C ARG A 234 -10.69 -14.53 -29.83
N ALA A 235 -11.22 -14.40 -31.04
CA ALA A 235 -11.99 -15.45 -31.70
C ALA A 235 -11.29 -16.79 -31.61
N GLY A 236 -11.99 -17.79 -31.06
CA GLY A 236 -11.43 -19.11 -30.90
C GLY A 236 -10.41 -19.23 -29.79
N GLY A 237 -10.13 -18.13 -29.09
CA GLY A 237 -9.18 -18.17 -28.00
C GLY A 237 -9.76 -18.81 -26.76
N GLU A 238 -8.87 -19.38 -25.96
CA GLU A 238 -9.21 -20.06 -24.72
C GLU A 238 -9.15 -19.15 -23.50
N ARG A 239 -8.37 -18.07 -23.57
CA ARG A 239 -8.22 -17.13 -22.48
C ARG A 239 -8.05 -15.74 -23.09
N ALA A 240 -8.37 -14.71 -22.32
CA ALA A 240 -8.18 -13.34 -22.77
C ALA A 240 -6.69 -13.09 -23.03
N GLU A 241 -6.36 -12.44 -24.15
CA GLU A 241 -4.96 -12.16 -24.46
C GLU A 241 -4.76 -10.65 -24.49
N HIS A 242 -3.49 -10.24 -24.38
CA HIS A 242 -3.08 -8.84 -24.47
C HIS A 242 -3.83 -8.09 -25.56
N VAL A 243 -4.28 -6.89 -25.23
CA VAL A 243 -4.91 -6.00 -26.21
C VAL A 243 -4.21 -4.65 -26.10
N ASP A 244 -3.81 -4.10 -27.24
CA ASP A 244 -3.22 -2.78 -27.28
C ASP A 244 -4.31 -1.74 -27.22
N HIS A 245 -4.12 -0.74 -26.37
CA HIS A 245 -4.96 0.45 -26.31
C HIS A 245 -4.14 1.65 -26.79
N MET A 246 -4.73 2.43 -27.69
CA MET A 246 -4.21 3.74 -28.02
C MET A 246 -4.98 4.75 -27.17
N ALA A 247 -4.25 5.54 -26.38
CA ALA A 247 -4.84 6.57 -25.55
C ALA A 247 -4.04 7.84 -25.78
N SER A 248 -4.71 8.86 -26.31
CA SER A 248 -4.01 10.09 -26.63
C SER A 248 -3.49 10.76 -25.35
N LEU A 249 -2.36 11.45 -25.50
CA LEU A 249 -1.72 12.13 -24.38
C LEU A 249 -2.66 13.15 -23.74
N SER A 250 -3.40 13.90 -24.56
CA SER A 250 -4.23 14.99 -24.06
C SER A 250 -5.37 14.52 -23.16
N LEU A 251 -5.69 13.23 -23.14
CA LEU A 251 -6.77 12.77 -22.28
C LEU A 251 -6.37 12.64 -20.81
N ALA A 252 -5.10 12.94 -20.47
CA ALA A 252 -4.52 12.58 -19.18
C ALA A 252 -5.35 13.03 -17.99
N ALA A 253 -5.70 14.32 -17.93
CA ALA A 253 -6.46 14.81 -16.78
C ALA A 253 -7.87 14.23 -16.71
N ALA A 254 -8.33 13.62 -17.80
CA ALA A 254 -9.65 12.99 -17.82
C ALA A 254 -9.58 11.46 -17.67
N GLY A 255 -8.47 10.81 -18.02
CA GLY A 255 -8.45 9.36 -17.95
C GLY A 255 -7.11 8.65 -17.82
N GLY A 256 -6.02 9.40 -17.64
CA GLY A 256 -4.70 8.83 -17.76
C GLY A 256 -4.02 8.31 -16.50
N LEU A 257 -4.69 8.28 -15.35
CA LEU A 257 -4.10 7.79 -14.12
C LEU A 257 -4.13 6.27 -14.05
N VAL A 258 -3.12 5.72 -13.37
CA VAL A 258 -2.87 4.28 -13.28
C VAL A 258 -2.57 3.96 -11.82
N GLY A 259 -3.40 3.15 -11.20
CA GLY A 259 -3.15 2.80 -9.81
C GLY A 259 -4.01 1.64 -9.36
N SER A 260 -4.07 1.46 -8.06
CA SER A 260 -4.65 0.26 -7.48
C SER A 260 -6.06 0.51 -6.94
N ALA A 261 -6.78 -0.59 -6.77
CA ALA A 261 -8.04 -0.54 -6.03
C ALA A 261 -7.84 0.15 -4.69
N THR A 262 -6.74 -0.18 -3.99
CA THR A 262 -6.51 0.35 -2.65
C THR A 262 -6.23 1.84 -2.68
N ASP A 263 -5.51 2.30 -3.72
CA ASP A 263 -5.31 3.74 -3.92
C ASP A 263 -6.65 4.48 -3.99
N LEU A 264 -7.62 3.94 -4.76
CA LEU A 264 -8.90 4.62 -4.94
C LEU A 264 -9.69 4.65 -3.64
N VAL A 265 -9.63 3.56 -2.87
CA VAL A 265 -10.29 3.57 -1.55
C VAL A 265 -9.63 4.61 -0.65
N THR A 266 -8.30 4.73 -0.72
CA THR A 266 -7.61 5.71 0.11
C THR A 266 -8.07 7.13 -0.21
N ALA A 267 -8.16 7.46 -1.50
CA ALA A 267 -8.63 8.78 -1.91
C ALA A 267 -10.09 9.03 -1.49
N ALA A 268 -10.87 7.96 -1.31
CA ALA A 268 -12.23 8.08 -0.81
C ALA A 268 -12.29 8.31 0.70
N ARG A 269 -11.20 8.03 1.43
CA ARG A 269 -11.24 8.10 2.88
C ARG A 269 -11.74 9.45 3.40
N PRO A 270 -11.25 10.62 2.94
CA PRO A 270 -11.80 11.90 3.45
C PRO A 270 -13.29 12.10 3.18
N HIS A 271 -13.93 11.28 2.35
CA HIS A 271 -15.33 11.48 2.04
C HIS A 271 -16.26 10.83 3.04
N LEU A 272 -15.75 10.04 3.97
CA LEU A 272 -16.63 9.24 4.79
C LEU A 272 -16.91 9.90 6.12
N ALA A 273 -18.00 9.45 6.74
CA ALA A 273 -18.39 9.91 8.07
C ALA A 273 -17.22 9.88 9.04
N ASP A 274 -16.52 8.75 9.09
CA ASP A 274 -15.43 8.53 10.04
C ASP A 274 -14.11 9.18 9.60
N ARG A 275 -14.16 10.21 8.75
CA ARG A 275 -12.96 10.80 8.18
C ARG A 275 -12.00 11.35 9.22
N LYS A 276 -12.45 11.62 10.44
CA LYS A 276 -11.51 12.14 11.45
C LYS A 276 -10.52 11.08 11.90
N THR A 277 -10.78 9.79 11.64
CA THR A 277 -9.81 8.74 11.91
C THR A 277 -8.74 8.63 10.83
N PHE A 278 -8.94 9.26 9.69
CA PHE A 278 -7.97 9.20 8.60
C PHE A 278 -6.93 10.30 8.82
N ALA A 279 -5.65 9.91 8.88
CA ALA A 279 -4.61 10.87 9.25
C ALA A 279 -4.50 12.01 8.24
N GLN A 280 -4.85 11.77 6.98
CA GLN A 280 -4.70 12.79 5.96
C GLN A 280 -6.04 13.44 5.59
N HIS A 281 -6.98 13.50 6.53
CA HIS A 281 -8.27 14.12 6.23
C HIS A 281 -8.14 15.62 5.95
N ASP A 282 -7.14 16.30 6.54
CA ASP A 282 -6.95 17.73 6.27
C ASP A 282 -6.72 17.98 4.78
N LEU A 283 -6.29 16.95 4.04
CA LEU A 283 -5.96 17.10 2.62
C LEU A 283 -7.18 17.47 1.79
N LEU A 284 -8.37 17.02 2.20
CA LEU A 284 -9.62 17.43 1.56
C LEU A 284 -10.61 17.74 2.66
N PRO A 285 -10.80 19.03 2.97
CA PRO A 285 -11.73 19.46 4.02
C PRO A 285 -13.16 18.95 3.82
N GLU A 286 -13.90 18.97 4.93
CA GLU A 286 -15.27 18.47 4.93
C GLU A 286 -16.16 19.25 3.96
N ASP A 287 -15.95 20.56 3.83
CA ASP A 287 -16.82 21.33 2.95
C ASP A 287 -16.61 20.92 1.49
N ALA A 288 -15.37 20.66 1.10
CA ALA A 288 -15.12 20.20 -0.26
C ALA A 288 -15.73 18.82 -0.51
N VAL A 289 -15.55 17.90 0.45
CA VAL A 289 -16.16 16.58 0.36
C VAL A 289 -17.66 16.69 0.10
N LEU A 290 -18.33 17.57 0.85
CA LEU A 290 -19.78 17.72 0.71
C LEU A 290 -20.13 18.31 -0.65
N ALA A 291 -19.31 19.24 -1.14
CA ALA A 291 -19.54 19.82 -2.46
C ALA A 291 -19.40 18.78 -3.58
N MET A 292 -18.34 17.96 -3.54
CA MET A 292 -18.15 16.89 -4.52
C MET A 292 -19.35 15.96 -4.57
N ARG A 293 -19.99 15.74 -3.43
CA ARG A 293 -21.15 14.89 -3.26
C ARG A 293 -22.47 15.58 -3.59
N THR A 294 -22.53 16.91 -3.56
CA THR A 294 -23.81 17.61 -3.72
C THR A 294 -24.16 17.72 -5.21
N CYS A 295 -25.25 17.07 -5.62
CA CYS A 295 -25.57 17.00 -7.02
C CYS A 295 -26.14 18.34 -7.53
N VAL A 296 -25.88 18.62 -8.80
CA VAL A 296 -26.44 19.79 -9.47
C VAL A 296 -27.94 19.61 -9.64
N PRO A 297 -28.77 20.54 -9.18
CA PRO A 297 -30.21 20.43 -9.42
C PRO A 297 -30.58 20.70 -10.86
N ASP A 298 -31.68 20.08 -11.27
CA ASP A 298 -32.31 20.35 -12.57
C ASP A 298 -31.38 20.03 -13.73
N ALA A 299 -30.48 19.05 -13.56
CA ALA A 299 -29.65 18.60 -14.70
C ALA A 299 -29.32 17.11 -14.51
N GLU A 300 -30.30 16.26 -14.78
CA GLU A 300 -30.10 14.82 -14.58
C GLU A 300 -29.12 14.25 -15.62
N PRO A 301 -28.10 13.44 -15.19
CA PRO A 301 -27.21 12.72 -16.15
C PRO A 301 -27.91 11.54 -16.77
N PHE A 302 -28.81 11.84 -17.72
CA PHE A 302 -29.77 10.86 -18.20
C PHE A 302 -29.07 9.69 -18.91
N GLY A 303 -29.30 8.48 -18.42
CA GLY A 303 -28.68 7.31 -18.99
C GLY A 303 -27.34 6.90 -18.40
N LEU A 304 -26.88 7.58 -17.33
CA LEU A 304 -25.60 7.27 -16.65
C LEU A 304 -25.75 7.19 -15.14
N ALA A 305 -26.40 8.15 -14.50
CA ALA A 305 -26.59 8.15 -13.05
C ALA A 305 -27.85 8.95 -12.72
N ASP A 306 -28.22 8.93 -11.43
CA ASP A 306 -29.34 9.75 -10.97
C ASP A 306 -28.96 11.20 -10.70
N GLY A 307 -27.69 11.48 -10.44
CA GLY A 307 -27.24 12.85 -10.29
C GLY A 307 -25.73 12.91 -10.42
N TRP A 308 -25.23 14.11 -10.66
CA TRP A 308 -23.79 14.34 -10.72
C TRP A 308 -23.43 15.52 -9.85
N GLY A 309 -22.32 15.40 -9.15
CA GLY A 309 -21.82 16.48 -8.34
C GLY A 309 -20.53 17.02 -8.91
N LEU A 310 -19.52 17.24 -8.08
CA LEU A 310 -18.22 17.68 -8.57
C LEU A 310 -17.29 16.46 -8.56
N GLY A 311 -17.23 15.77 -9.69
CA GLY A 311 -16.37 14.62 -9.84
C GLY A 311 -16.89 13.32 -9.25
N LEU A 312 -18.10 13.33 -8.70
CA LEU A 312 -18.80 12.12 -8.28
C LEU A 312 -20.18 12.11 -8.92
N MET A 313 -20.63 10.91 -9.33
CA MET A 313 -22.02 10.66 -9.68
C MET A 313 -22.74 10.00 -8.51
N ARG A 314 -24.08 10.02 -8.57
CA ARG A 314 -24.95 9.43 -7.55
C ARG A 314 -25.82 8.35 -8.16
N HIS A 315 -25.87 7.17 -7.52
CA HIS A 315 -26.82 6.11 -7.82
C HIS A 315 -27.67 5.90 -6.58
N GLY A 316 -29.00 5.98 -6.75
CA GLY A 316 -29.90 5.90 -5.59
C GLY A 316 -30.17 7.26 -4.99
N THR A 317 -30.99 7.27 -3.93
CA THR A 317 -31.46 8.61 -3.58
C THR A 317 -31.26 9.04 -2.14
N GLY A 318 -31.48 8.15 -1.16
CA GLY A 318 -31.46 8.70 0.19
C GLY A 318 -30.44 8.09 1.12
N ASP A 319 -30.93 7.21 1.99
CA ASP A 319 -30.02 6.32 2.68
C ASP A 319 -29.41 5.32 1.73
N GLY A 320 -30.06 5.06 0.61
CA GLY A 320 -29.56 4.12 -0.38
C GLY A 320 -28.74 4.76 -1.48
N ALA A 321 -28.33 6.00 -1.30
CA ALA A 321 -27.58 6.72 -2.31
C ALA A 321 -26.10 6.38 -2.22
N TRP A 322 -25.52 5.93 -3.33
CA TRP A 322 -24.09 5.68 -3.39
C TRP A 322 -23.45 6.61 -4.40
N TYR A 323 -22.18 6.95 -4.15
CA TYR A 323 -21.45 7.83 -5.02
C TYR A 323 -20.23 7.11 -5.56
N GLY A 324 -19.81 7.52 -6.76
CA GLY A 324 -18.57 7.01 -7.30
C GLY A 324 -18.29 7.45 -8.72
N HIS A 325 -17.67 6.57 -9.49
CA HIS A 325 -17.27 6.87 -10.86
C HIS A 325 -16.90 5.55 -11.50
N ASP A 326 -17.02 5.51 -12.82
CA ASP A 326 -16.69 4.34 -13.62
C ASP A 326 -15.62 4.72 -14.63
N GLY A 327 -14.99 3.70 -15.18
CA GLY A 327 -14.00 3.93 -16.20
C GLY A 327 -13.58 2.64 -16.86
N ALA A 328 -13.10 2.75 -18.10
CA ALA A 328 -12.58 1.62 -18.86
C ALA A 328 -11.66 2.14 -19.96
N VAL A 329 -10.44 1.63 -20.01
CA VAL A 329 -9.54 1.89 -21.12
C VAL A 329 -9.13 0.55 -21.67
N GLY A 330 -9.30 0.37 -22.98
CA GLY A 330 -9.00 -0.91 -23.61
C GLY A 330 -9.59 -2.08 -22.86
N GLY A 331 -8.80 -3.14 -22.69
CA GLY A 331 -9.28 -4.31 -21.98
C GLY A 331 -9.19 -4.18 -20.47
N ALA A 332 -9.57 -3.02 -19.92
CA ALA A 332 -9.49 -2.83 -18.48
C ALA A 332 -10.64 -1.95 -18.02
N SER A 333 -11.09 -2.18 -16.79
CA SER A 333 -12.19 -1.44 -16.23
C SER A 333 -11.82 -1.07 -14.80
N CYS A 334 -12.57 -0.11 -14.27
CA CYS A 334 -12.32 0.40 -12.92
C CYS A 334 -13.60 1.02 -12.37
N ASN A 335 -13.97 0.64 -11.15
CA ASN A 335 -15.19 1.14 -10.52
C ASN A 335 -14.90 1.51 -9.07
N LEU A 336 -15.42 2.67 -8.65
CA LEU A 336 -15.30 3.18 -7.30
C LEU A 336 -16.68 3.50 -6.75
N ARG A 337 -16.90 3.19 -5.48
CA ARG A 337 -18.20 3.42 -4.85
C ARG A 337 -18.00 3.80 -3.40
N ILE A 338 -18.70 4.86 -2.97
CA ILE A 338 -18.55 5.44 -1.64
C ILE A 338 -19.92 5.61 -1.02
N HIS A 339 -20.07 5.19 0.23
CA HIS A 339 -21.28 5.50 0.99
C HIS A 339 -20.85 6.29 2.21
N PRO A 340 -20.89 7.63 2.16
CA PRO A 340 -20.31 8.40 3.26
C PRO A 340 -20.90 8.07 4.62
N ASP A 341 -22.23 7.87 4.69
CA ASP A 341 -22.82 7.81 6.01
C ASP A 341 -22.48 6.50 6.72
N ARG A 342 -22.37 5.42 5.97
CA ARG A 342 -21.90 4.16 6.52
C ARG A 342 -20.39 4.00 6.52
N SER A 343 -19.64 5.04 6.12
CA SER A 343 -18.18 5.00 6.09
C SER A 343 -17.68 3.79 5.31
N LEU A 344 -18.20 3.64 4.09
CA LEU A 344 -17.91 2.47 3.28
C LEU A 344 -17.42 2.91 1.91
N ALA A 345 -16.31 2.33 1.47
CA ALA A 345 -15.77 2.55 0.13
C ALA A 345 -15.23 1.24 -0.41
N LEU A 346 -15.45 1.00 -1.69
CA LEU A 346 -14.95 -0.19 -2.35
C LEU A 346 -14.59 0.17 -3.78
N ALA A 347 -13.52 -0.42 -4.25
CA ALA A 347 -13.00 -0.14 -5.57
C ALA A 347 -12.66 -1.47 -6.22
N LEU A 348 -12.88 -1.54 -7.53
CA LEU A 348 -12.58 -2.75 -8.27
C LEU A 348 -11.74 -2.34 -9.47
N THR A 349 -10.60 -3.00 -9.67
CA THR A 349 -9.88 -2.88 -10.93
C THR A 349 -9.85 -4.25 -11.60
N ALA A 350 -9.96 -4.24 -12.93
CA ALA A 350 -9.89 -5.48 -13.70
C ALA A 350 -9.18 -5.17 -15.00
N ASN A 351 -8.46 -6.16 -15.52
CA ASN A 351 -7.64 -5.94 -16.69
C ASN A 351 -8.03 -6.90 -17.83
N SER A 352 -9.30 -7.27 -17.93
CA SER A 352 -9.81 -7.85 -19.18
C SER A 352 -11.16 -7.24 -19.54
N THR A 353 -11.56 -7.40 -20.80
CA THR A 353 -12.86 -6.89 -21.24
C THR A 353 -14.02 -7.45 -20.42
N ALA A 354 -13.81 -8.50 -19.64
CA ALA A 354 -14.89 -9.02 -18.80
C ALA A 354 -15.06 -8.24 -17.49
N GLY A 355 -14.16 -7.30 -17.19
CA GLY A 355 -14.30 -6.44 -16.04
C GLY A 355 -15.69 -5.91 -15.78
N PRO A 356 -16.34 -5.33 -16.80
CA PRO A 356 -17.71 -4.82 -16.59
C PRO A 356 -18.71 -5.87 -16.11
N LYS A 357 -18.67 -7.09 -16.65
CA LYS A 357 -19.63 -8.08 -16.16
C LYS A 357 -19.26 -8.55 -14.76
N LEU A 358 -17.96 -8.56 -14.43
CA LEU A 358 -17.55 -8.84 -13.06
C LEU A 358 -18.07 -7.77 -12.10
N TRP A 359 -18.00 -6.50 -12.51
CA TRP A 359 -18.56 -5.45 -11.67
C TRP A 359 -20.06 -5.67 -11.47
N GLU A 360 -20.78 -5.94 -12.56
CA GLU A 360 -22.23 -6.15 -12.47
C GLU A 360 -22.55 -7.33 -11.55
N ALA A 361 -21.90 -8.47 -11.75
CA ALA A 361 -22.14 -9.63 -10.91
C ALA A 361 -21.76 -9.36 -9.46
N LEU A 362 -20.69 -8.59 -9.24
CA LEU A 362 -20.32 -8.17 -7.89
C LEU A 362 -21.42 -7.33 -7.26
N VAL A 363 -22.03 -6.44 -8.02
CA VAL A 363 -23.06 -5.58 -7.44
C VAL A 363 -24.28 -6.41 -7.05
N ALA A 364 -24.64 -7.39 -7.87
CA ALA A 364 -25.81 -8.20 -7.57
C ALA A 364 -25.56 -9.22 -6.47
N ARG A 365 -24.33 -9.72 -6.33
CA ARG A 365 -24.08 -10.78 -5.36
C ARG A 365 -23.48 -10.30 -4.03
N LEU A 366 -22.75 -9.16 -4.02
CA LEU A 366 -22.27 -8.61 -2.76
C LEU A 366 -23.36 -8.38 -1.71
N PRO A 367 -24.65 -8.20 -2.06
CA PRO A 367 -25.65 -8.14 -0.99
C PRO A 367 -25.63 -9.34 -0.06
N GLU A 368 -25.20 -10.52 -0.52
CA GLU A 368 -25.11 -11.66 0.38
C GLU A 368 -23.95 -11.54 1.39
N ALA A 369 -23.32 -10.37 1.50
CA ALA A 369 -22.46 -10.05 2.64
C ALA A 369 -22.79 -8.67 3.23
N GLY A 370 -23.99 -8.15 3.00
CA GLY A 370 -24.40 -6.87 3.54
C GLY A 370 -23.97 -5.65 2.75
N LEU A 371 -23.32 -5.85 1.61
CA LEU A 371 -22.82 -4.75 0.77
C LEU A 371 -23.77 -4.55 -0.40
N ASP A 372 -24.84 -3.79 -0.17
CA ASP A 372 -25.86 -3.55 -1.19
C ASP A 372 -25.56 -2.23 -1.91
N VAL A 373 -24.63 -2.29 -2.85
CA VAL A 373 -24.30 -1.11 -3.63
C VAL A 373 -25.50 -0.71 -4.45
N GLY A 374 -25.69 0.60 -4.63
CA GLY A 374 -26.81 1.05 -5.43
C GLY A 374 -26.70 0.58 -6.87
N HIS A 375 -27.84 0.47 -7.54
CA HIS A 375 -27.87 0.26 -8.97
C HIS A 375 -28.37 1.51 -9.68
N TYR A 376 -28.09 1.57 -10.98
CA TYR A 376 -28.75 2.51 -11.86
C TYR A 376 -29.26 1.72 -13.05
N ALA A 377 -30.56 1.82 -13.30
CA ALA A 377 -31.16 1.29 -14.52
C ALA A 377 -31.81 2.41 -15.29
N LEU A 378 -31.77 2.33 -16.62
CA LEU A 378 -32.49 3.29 -17.44
C LEU A 378 -33.99 3.14 -17.20
N PRO A 379 -34.77 4.20 -17.38
CA PRO A 379 -36.23 4.04 -17.30
C PRO A 379 -36.74 3.17 -18.44
N VAL A 380 -37.79 2.42 -18.15
CA VAL A 380 -38.55 1.70 -19.15
C VAL A 380 -39.92 2.36 -19.25
N PRO A 381 -40.37 2.78 -20.43
CA PRO A 381 -41.59 3.59 -20.53
C PRO A 381 -42.85 2.77 -20.32
N ASP A 382 -43.76 3.29 -19.47
CA ASP A 382 -45.04 2.62 -19.23
C ASP A 382 -45.93 2.68 -20.46
N SER A 383 -45.96 3.84 -21.11
CA SER A 383 -47.00 4.23 -22.04
C SER A 383 -46.76 3.65 -23.43
N ALA A 384 -47.79 3.79 -24.27
CA ALA A 384 -47.76 3.44 -25.67
C ALA A 384 -47.01 4.50 -26.47
N PRO A 385 -46.43 4.13 -27.61
CA PRO A 385 -45.68 5.11 -28.41
C PRO A 385 -46.58 6.27 -28.83
N LEU A 386 -46.03 7.48 -28.78
CA LEU A 386 -46.76 8.64 -29.25
C LEU A 386 -46.80 8.69 -30.77
N ALA A 387 -47.69 9.54 -31.28
CA ALA A 387 -47.75 9.82 -32.70
C ALA A 387 -46.41 10.36 -33.19
N PRO A 388 -45.94 9.92 -34.35
CA PRO A 388 -44.63 10.40 -34.83
C PRO A 388 -44.70 11.89 -35.11
N ASP A 389 -43.92 12.66 -34.37
CA ASP A 389 -43.91 14.11 -34.51
C ASP A 389 -42.83 14.48 -35.52
N ALA A 390 -43.23 15.11 -36.63
CA ALA A 390 -42.29 15.48 -37.68
C ALA A 390 -41.55 16.79 -37.40
N GLY A 391 -41.63 17.31 -36.17
CA GLY A 391 -40.76 18.37 -35.69
C GLY A 391 -39.55 17.86 -34.94
N HIS A 392 -39.46 16.54 -34.73
CA HIS A 392 -38.27 15.94 -34.18
C HIS A 392 -37.20 15.72 -35.25
N LEU A 393 -37.54 15.88 -36.52
CA LEU A 393 -36.58 15.61 -37.59
C LEU A 393 -35.41 16.58 -37.48
N GLY A 394 -34.25 16.13 -37.90
CA GLY A 394 -33.08 16.98 -37.85
C GLY A 394 -31.84 16.16 -37.57
N THR A 395 -30.70 16.87 -37.57
CA THR A 395 -29.40 16.30 -37.31
C THR A 395 -28.96 16.72 -35.91
N TYR A 396 -28.52 15.79 -35.09
CA TYR A 396 -28.07 16.11 -33.74
C TYR A 396 -26.59 15.76 -33.62
N ALA A 397 -25.85 16.56 -32.86
CA ALA A 397 -24.41 16.37 -32.86
C ALA A 397 -23.82 16.66 -31.50
N ASN A 398 -22.78 15.87 -31.20
CA ASN A 398 -21.83 16.14 -30.12
C ASN A 398 -20.44 15.99 -30.73
N GLY A 399 -19.87 17.11 -31.14
CA GLY A 399 -18.53 17.11 -31.74
C GLY A 399 -18.53 16.37 -33.06
N ASP A 400 -17.74 15.30 -33.14
CA ASP A 400 -17.66 14.50 -34.37
C ASP A 400 -18.87 13.59 -34.52
N LEU A 401 -19.48 13.18 -33.41
CA LEU A 401 -20.51 12.16 -33.44
C LEU A 401 -21.87 12.77 -33.79
N GLU A 402 -22.59 12.14 -34.69
N GLU A 402 -22.59 12.12 -34.67
CA GLU A 402 -23.85 12.70 -35.14
CA GLU A 402 -23.84 12.68 -35.17
C GLU A 402 -24.89 11.61 -35.31
C GLU A 402 -24.90 11.60 -35.29
N LEU A 403 -26.15 12.03 -35.17
CA LEU A 403 -27.30 11.14 -35.30
C LEU A 403 -28.33 11.92 -36.10
N MET A 404 -29.18 11.22 -36.86
CA MET A 404 -30.23 11.91 -37.61
C MET A 404 -31.59 11.31 -37.29
N VAL A 405 -32.56 12.18 -37.04
CA VAL A 405 -33.94 11.76 -36.89
C VAL A 405 -34.61 11.99 -38.21
N THR A 406 -34.99 10.91 -38.88
CA THR A 406 -35.57 10.97 -40.20
C THR A 406 -36.94 10.32 -40.16
N HIS A 407 -37.56 10.26 -41.34
CA HIS A 407 -38.77 9.50 -41.52
C HIS A 407 -38.76 8.87 -42.91
N ASP A 408 -39.58 7.86 -43.08
CA ASP A 408 -39.72 7.23 -44.38
C ASP A 408 -41.01 7.73 -45.04
N ALA A 409 -41.31 7.17 -46.22
CA ALA A 409 -42.50 7.60 -46.96
C ALA A 409 -43.79 7.27 -46.23
N ALA A 410 -43.81 6.19 -45.43
CA ALA A 410 -44.96 5.92 -44.59
C ALA A 410 -45.12 6.89 -43.42
N GLY A 411 -44.18 7.81 -43.22
CA GLY A 411 -44.21 8.72 -42.08
C GLY A 411 -43.73 8.17 -40.75
N ASP A 412 -43.00 7.05 -40.74
CA ASP A 412 -42.48 6.50 -39.49
C ASP A 412 -41.10 7.07 -39.17
N LEU A 413 -40.82 7.22 -37.88
CA LEU A 413 -39.57 7.84 -37.43
C LEU A 413 -38.40 6.86 -37.33
N PHE A 414 -37.24 7.29 -37.82
CA PHE A 414 -36.02 6.52 -37.72
C PHE A 414 -34.88 7.35 -37.15
N LEU A 415 -33.90 6.66 -36.59
CA LEU A 415 -32.65 7.24 -36.16
C LEU A 415 -31.54 6.65 -37.02
N THR A 416 -30.80 7.51 -37.71
CA THR A 416 -29.74 7.04 -38.60
C THR A 416 -28.38 7.45 -38.04
N ARG A 417 -27.36 6.72 -38.45
CA ARG A 417 -26.06 6.75 -37.81
C ARG A 417 -25.03 6.16 -38.78
N GLU A 418 -23.93 6.89 -38.99
CA GLU A 418 -23.08 6.75 -40.18
C GLU A 418 -22.84 5.33 -40.69
N SER A 419 -22.43 4.40 -39.84
CA SER A 419 -22.12 3.07 -40.36
C SER A 419 -23.01 1.99 -39.75
N TYR A 420 -24.16 2.37 -39.20
CA TYR A 420 -25.05 1.43 -38.55
C TYR A 420 -26.35 1.34 -39.32
N SER A 421 -27.01 0.18 -39.18
CA SER A 421 -28.40 0.06 -39.56
C SER A 421 -29.26 1.15 -38.92
N ASP A 422 -30.30 1.56 -39.63
CA ASP A 422 -31.26 2.51 -39.09
C ASP A 422 -31.92 1.93 -37.84
N TYR A 423 -32.21 2.78 -36.86
CA TYR A 423 -32.98 2.36 -35.70
C TYR A 423 -34.44 2.79 -35.88
N ARG A 424 -35.38 1.92 -35.50
CA ARG A 424 -36.76 2.37 -35.39
C ARG A 424 -36.93 3.21 -34.13
N LEU A 425 -37.49 4.41 -34.26
CA LEU A 425 -37.58 5.38 -33.18
C LEU A 425 -38.99 5.43 -32.63
N SER A 426 -39.17 5.03 -31.37
CA SER A 426 -40.45 5.14 -30.70
C SER A 426 -40.41 6.32 -29.75
N LEU A 427 -41.36 7.24 -29.92
CA LEU A 427 -41.48 8.39 -29.05
C LEU A 427 -42.45 8.06 -27.92
N HIS A 428 -42.08 8.42 -26.69
CA HIS A 428 -42.83 8.08 -25.49
C HIS A 428 -43.07 9.32 -24.66
N GLU A 429 -43.83 9.15 -23.59
CA GLU A 429 -44.18 10.28 -22.72
C GLU A 429 -42.96 10.75 -21.93
N ASP A 430 -43.08 11.96 -21.39
CA ASP A 430 -41.98 12.62 -20.68
C ASP A 430 -40.76 12.85 -21.59
N ASP A 431 -41.01 12.93 -22.90
CA ASP A 431 -39.97 13.14 -23.92
C ASP A 431 -38.96 12.00 -23.96
N LEU A 432 -39.35 10.81 -23.51
CA LEU A 432 -38.49 9.64 -23.65
C LEU A 432 -38.54 9.08 -25.07
N PHE A 433 -37.53 8.27 -25.41
CA PHE A 433 -37.55 7.57 -26.67
C PHE A 433 -36.71 6.32 -26.56
N VAL A 434 -37.12 5.31 -27.32
CA VAL A 434 -36.35 4.08 -27.48
C VAL A 434 -36.10 3.89 -28.97
N ALA A 435 -34.84 3.66 -29.33
CA ALA A 435 -34.44 3.39 -30.71
C ALA A 435 -34.04 1.92 -30.79
N ARG A 436 -34.78 1.12 -31.54
CA ARG A 436 -34.46 -0.29 -31.69
C ARG A 436 -33.69 -0.49 -32.98
N SER A 437 -32.55 -1.17 -32.91
CA SER A 437 -31.68 -1.32 -34.07
C SER A 437 -32.19 -2.38 -35.02
N GLY A 438 -31.98 -2.13 -36.32
CA GLY A 438 -32.34 -3.12 -37.32
C GLY A 438 -31.37 -4.28 -37.42
N GLU A 439 -30.18 -4.13 -36.84
CA GLU A 439 -29.23 -5.23 -36.71
C GLU A 439 -29.21 -5.72 -35.26
N PRO A 440 -29.52 -6.99 -35.01
CA PRO A 440 -29.66 -7.49 -33.62
C PRO A 440 -28.35 -7.50 -32.82
N GLY A 441 -27.21 -7.44 -33.48
CA GLY A 441 -26.03 -7.34 -32.63
C GLY A 441 -25.72 -5.94 -32.16
N ALA A 442 -26.59 -4.98 -32.41
CA ALA A 442 -26.31 -3.62 -31.98
C ALA A 442 -27.19 -3.26 -30.79
N LEU A 443 -26.68 -2.35 -29.95
CA LEU A 443 -27.55 -2.12 -28.81
C LEU A 443 -28.63 -1.08 -29.13
N PRO A 444 -29.81 -1.25 -28.56
CA PRO A 444 -30.84 -0.20 -28.68
C PRO A 444 -30.46 1.00 -27.82
N ILE A 445 -31.11 2.14 -28.09
CA ILE A 445 -30.78 3.40 -27.44
C ILE A 445 -32.01 3.93 -26.72
N THR A 446 -31.96 3.97 -25.39
CA THR A 446 -32.95 4.71 -24.62
C THR A 446 -32.39 6.07 -24.25
N GLY A 447 -33.09 7.12 -24.65
CA GLY A 447 -32.69 8.46 -24.35
C GLY A 447 -33.90 9.34 -24.11
N ARG A 448 -33.67 10.66 -24.06
CA ARG A 448 -34.77 11.62 -24.00
C ARG A 448 -34.43 12.83 -24.87
N PHE A 449 -35.47 13.53 -25.26
CA PHE A 449 -35.36 14.87 -25.83
C PHE A 449 -35.48 15.90 -24.73
N VAL A 450 -34.82 17.03 -24.94
CA VAL A 450 -34.82 18.14 -24.00
C VAL A 450 -35.15 19.41 -24.77
N ARG A 451 -36.06 20.20 -24.21
CA ARG A 451 -36.42 21.52 -24.71
C ARG A 451 -35.83 22.58 -23.81
N GLU A 452 -35.54 23.75 -24.39
CA GLU A 452 -35.13 24.90 -23.59
C GLU A 452 -36.32 25.55 -22.88
N HIS A 453 -37.52 25.43 -23.44
CA HIS A 453 -38.70 26.00 -22.84
C HIS A 453 -39.88 25.07 -23.07
N PRO A 454 -40.79 24.93 -22.10
CA PRO A 454 -41.99 24.09 -22.24
C PRO A 454 -42.76 24.24 -23.57
N ALA A 455 -42.78 25.42 -24.16
CA ALA A 455 -43.47 25.63 -25.43
C ALA A 455 -42.55 25.52 -26.62
N GLY A 456 -41.24 25.41 -26.39
CA GLY A 456 -40.27 25.43 -27.45
C GLY A 456 -40.18 24.11 -28.18
N PRO A 457 -39.42 24.12 -29.26
CA PRO A 457 -39.17 22.89 -30.01
C PRO A 457 -38.03 22.10 -29.38
N VAL A 458 -37.81 20.90 -29.94
CA VAL A 458 -36.76 20.01 -29.47
C VAL A 458 -35.40 20.65 -29.73
N ALA A 459 -34.60 20.80 -28.68
CA ALA A 459 -33.26 21.34 -28.83
C ALA A 459 -32.16 20.33 -28.51
N LEU A 460 -32.43 19.33 -27.68
CA LEU A 460 -31.43 18.35 -27.29
C LEU A 460 -31.97 16.94 -27.36
N LEU A 461 -31.10 16.03 -27.75
CA LEU A 461 -31.26 14.60 -27.52
C LEU A 461 -30.16 14.17 -26.55
N GLN A 462 -30.53 13.50 -25.46
CA GLN A 462 -29.49 12.92 -24.62
C GLN A 462 -29.77 11.45 -24.32
N TYR A 463 -28.67 10.69 -24.24
CA TYR A 463 -28.60 9.26 -23.93
C TYR A 463 -27.18 8.92 -23.53
N GLY A 464 -27.03 7.88 -22.71
CA GLY A 464 -25.72 7.55 -22.17
C GLY A 464 -25.01 8.73 -21.50
N GLY A 465 -25.80 9.66 -20.95
CA GLY A 465 -25.27 10.86 -20.32
C GLY A 465 -24.62 11.87 -21.24
N ARG A 466 -24.64 11.67 -22.56
CA ARG A 466 -24.20 12.71 -23.47
C ARG A 466 -25.40 13.46 -24.06
N ALA A 467 -25.20 14.75 -24.35
CA ALA A 467 -26.15 15.54 -25.11
C ALA A 467 -25.68 15.65 -26.55
N MET A 468 -26.62 15.80 -27.45
CA MET A 468 -26.31 16.07 -28.86
C MET A 468 -27.15 17.25 -29.28
N HIS A 469 -26.49 18.23 -29.89
CA HIS A 469 -27.14 19.49 -30.27
C HIS A 469 -27.85 19.39 -31.61
N ARG A 470 -29.16 19.67 -31.63
CA ARG A 470 -29.88 19.80 -32.90
C ARG A 470 -29.29 20.92 -33.74
N LEU A 471 -28.83 20.60 -34.95
CA LEU A 471 -28.12 21.60 -35.72
C LEU A 471 -29.09 22.60 -36.33
N ALA B 23 -18.10 -3.28 18.61
CA ALA B 23 -16.98 -3.11 19.53
C ALA B 23 -15.62 -3.38 18.86
N GLU B 24 -15.65 -4.04 17.69
CA GLU B 24 -14.43 -4.14 16.87
C GLU B 24 -14.18 -2.82 16.13
N GLY B 25 -15.25 -2.16 15.66
CA GLY B 25 -15.10 -0.86 15.02
C GLY B 25 -14.71 0.24 15.99
N ALA B 26 -15.10 0.11 17.25
CA ALA B 26 -14.66 1.05 18.29
C ALA B 26 -13.27 0.68 18.82
N GLU B 27 -12.90 -0.60 18.76
CA GLU B 27 -11.55 -1.00 19.14
C GLU B 27 -10.51 -0.41 18.19
N ARG B 28 -10.87 -0.19 16.93
CA ARG B 28 -9.91 0.36 15.98
C ARG B 28 -9.77 1.86 16.17
N ASP B 29 -10.87 2.55 16.50
CA ASP B 29 -10.77 3.94 16.93
C ASP B 29 -9.88 4.06 18.16
N ALA B 30 -9.99 3.13 19.10
CA ALA B 30 -9.18 3.17 20.31
C ALA B 30 -7.69 3.13 19.96
N VAL B 31 -7.27 2.14 19.17
CA VAL B 31 -5.86 1.97 18.84
C VAL B 31 -5.31 3.22 18.15
N GLY B 32 -6.03 3.73 17.14
CA GLY B 32 -5.56 4.93 16.45
C GLY B 32 -5.46 6.15 17.35
N ALA B 33 -6.42 6.32 18.26
CA ALA B 33 -6.35 7.46 19.18
C ALA B 33 -5.27 7.23 20.22
N LEU B 34 -5.06 5.98 20.63
CA LEU B 34 -3.96 5.68 21.54
C LEU B 34 -2.62 5.94 20.87
N PHE B 35 -2.47 5.46 19.63
CA PHE B 35 -1.23 5.65 18.86
C PHE B 35 -0.84 7.11 18.74
N GLU B 36 -1.78 7.96 18.32
CA GLU B 36 -1.48 9.37 18.14
C GLU B 36 -1.11 10.04 19.45
N GLU B 37 -1.77 9.63 20.54
CA GLU B 37 -1.51 10.25 21.83
C GLU B 37 -0.13 9.85 22.37
N LEU B 38 0.29 8.59 22.13
CA LEU B 38 1.61 8.21 22.62
C LEU B 38 2.73 8.60 21.69
N VAL B 39 2.43 8.89 20.42
CA VAL B 39 3.46 9.49 19.57
C VAL B 39 3.78 10.89 20.05
N ARG B 40 2.75 11.66 20.38
CA ARG B 40 2.95 13.03 20.84
C ARG B 40 3.61 13.05 22.23
N GLU B 41 3.07 12.27 23.16
CA GLU B 41 3.62 12.13 24.50
C GLU B 41 5.13 11.91 24.49
N HIS B 42 5.62 10.98 23.65
CA HIS B 42 7.05 10.72 23.55
C HIS B 42 7.72 11.54 22.46
N ARG B 43 6.99 12.47 21.84
CA ARG B 43 7.50 13.37 20.81
C ARG B 43 8.31 12.62 19.77
N VAL B 44 7.68 11.62 19.18
CA VAL B 44 8.30 10.89 18.08
C VAL B 44 8.12 11.70 16.80
N THR B 45 9.21 11.86 16.03
CA THR B 45 9.15 12.68 14.80
C THR B 45 8.11 12.16 13.84
N GLY B 46 8.03 10.84 13.66
CA GLY B 46 7.15 10.21 12.69
C GLY B 46 7.08 8.72 12.96
N ALA B 47 5.95 8.10 12.64
CA ALA B 47 5.77 6.70 12.99
C ALA B 47 4.71 6.15 12.05
N GLN B 48 4.75 4.84 11.86
CA GLN B 48 3.63 4.11 11.26
C GLN B 48 3.30 2.94 12.16
N LEU B 49 2.01 2.64 12.25
CA LEU B 49 1.51 1.52 13.03
C LEU B 49 0.50 0.80 12.17
N SER B 50 0.61 -0.52 12.08
CA SER B 50 -0.31 -1.29 11.26
C SER B 50 -0.73 -2.55 12.00
N VAL B 51 -2.02 -2.84 11.99
CA VAL B 51 -2.58 -3.99 12.69
C VAL B 51 -3.46 -4.78 11.73
N TYR B 52 -3.13 -6.06 11.54
CA TYR B 52 -4.02 -6.96 10.82
C TYR B 52 -4.70 -7.85 11.85
N ARG B 53 -6.03 -7.84 11.82
CA ARG B 53 -6.84 -8.38 12.90
C ARG B 53 -8.24 -8.68 12.38
N ASP B 54 -8.71 -9.91 12.57
CA ASP B 54 -10.05 -10.33 12.15
C ASP B 54 -10.24 -10.17 10.64
N GLY B 55 -9.21 -10.51 9.86
CA GLY B 55 -9.26 -10.41 8.41
C GLY B 55 -9.18 -9.02 7.81
N ALA B 56 -8.95 -7.99 8.62
CA ALA B 56 -8.98 -6.62 8.14
C ALA B 56 -7.75 -5.85 8.64
N LEU B 57 -7.40 -4.78 7.91
CA LEU B 57 -6.17 -4.03 8.15
C LEU B 57 -6.47 -2.60 8.61
N SER B 58 -5.87 -2.19 9.72
CA SER B 58 -5.81 -0.80 10.14
C SER B 58 -4.42 -0.24 9.90
N GLU B 59 -4.33 0.95 9.28
CA GLU B 59 -3.06 1.61 8.99
C GLU B 59 -3.08 3.00 9.60
N TYR B 60 -2.11 3.29 10.44
CA TYR B 60 -1.97 4.62 11.01
C TYR B 60 -0.61 5.20 10.66
N ALA B 61 -0.57 6.49 10.34
CA ALA B 61 0.68 7.16 10.05
C ALA B 61 0.56 8.61 10.48
N THR B 62 1.62 9.13 11.09
CA THR B 62 1.62 10.48 11.65
C THR B 62 3.04 11.04 11.58
N GLY B 63 3.13 12.37 11.51
CA GLY B 63 4.41 13.04 11.69
C GLY B 63 5.21 13.23 10.42
N LEU B 64 6.50 13.52 10.61
CA LEU B 64 7.40 13.89 9.53
C LEU B 64 8.36 12.75 9.17
N ALA B 65 8.54 12.54 7.86
CA ALA B 65 9.65 11.72 7.39
C ALA B 65 10.98 12.43 7.60
N SER B 66 10.99 13.75 7.55
CA SER B 66 12.21 14.50 7.81
C SER B 66 11.87 15.81 8.49
N VAL B 67 12.55 16.11 9.60
CA VAL B 67 12.43 17.45 10.16
C VAL B 67 13.08 18.47 9.23
N ARG B 68 14.14 18.07 8.52
CA ARG B 68 14.88 18.91 7.59
C ARG B 68 13.96 19.42 6.49
N THR B 69 13.49 18.55 5.61
CA THR B 69 12.37 18.92 4.75
C THR B 69 11.12 19.06 5.61
N GLY B 70 9.99 19.34 5.01
CA GLY B 70 8.81 19.28 5.83
C GLY B 70 8.01 18.03 5.54
N GLU B 71 8.65 17.05 4.93
CA GLU B 71 7.87 15.99 4.30
C GLU B 71 7.21 15.11 5.35
N PRO B 72 5.88 14.98 5.33
CA PRO B 72 5.21 14.09 6.28
C PRO B 72 5.40 12.61 5.95
N VAL B 73 5.01 11.80 6.92
CA VAL B 73 5.00 10.35 6.84
C VAL B 73 3.72 9.92 6.13
N THR B 74 3.86 9.12 5.07
CA THR B 74 2.64 8.59 4.45
C THR B 74 2.61 7.07 4.62
N PRO B 75 1.52 6.40 4.22
CA PRO B 75 1.58 4.94 4.17
C PRO B 75 2.67 4.38 3.26
N ARG B 76 3.17 5.18 2.32
CA ARG B 76 4.19 4.71 1.41
C ARG B 76 5.60 4.76 2.02
N THR B 77 5.81 5.58 3.05
CA THR B 77 7.14 5.93 3.52
C THR B 77 7.90 4.71 4.04
N GLY B 78 9.06 4.45 3.44
CA GLY B 78 9.98 3.45 3.97
C GLY B 78 10.81 3.99 5.14
N PHE B 79 10.77 3.29 6.27
CA PHE B 79 11.52 3.32 7.53
C PHE B 79 12.54 2.18 7.59
N PRO B 80 13.73 2.41 8.12
CA PRO B 80 14.68 1.30 8.31
C PRO B 80 14.07 0.19 9.16
N PHE B 81 14.06 -1.03 8.61
CA PHE B 81 13.70 -2.18 9.42
C PHE B 81 14.78 -2.53 10.45
N GLY B 82 16.02 -2.15 10.20
CA GLY B 82 17.10 -2.67 11.04
C GLY B 82 17.12 -4.18 11.02
N SER B 83 17.32 -4.78 12.20
CA SER B 83 17.41 -6.22 12.25
C SER B 83 16.10 -6.91 11.97
N VAL B 84 14.98 -6.18 11.87
CA VAL B 84 13.77 -6.82 11.40
C VAL B 84 14.00 -7.34 9.99
N THR B 85 14.96 -6.77 9.24
CA THR B 85 15.38 -7.36 7.96
C THR B 85 15.61 -8.86 8.03
N LYS B 86 16.03 -9.35 9.20
CA LYS B 86 16.34 -10.75 9.38
C LYS B 86 15.12 -11.63 9.11
N PHE B 87 13.95 -11.17 9.54
CA PHE B 87 12.71 -11.94 9.32
C PHE B 87 12.46 -12.16 7.82
N LEU B 88 12.81 -11.18 6.98
CA LEU B 88 12.57 -11.34 5.56
C LEU B 88 13.65 -12.18 4.90
N THR B 89 14.90 -11.98 5.30
CA THR B 89 15.99 -12.86 4.86
C THR B 89 15.67 -14.31 5.20
N ALA B 90 15.21 -14.55 6.42
CA ALA B 90 14.75 -15.86 6.84
C ALA B 90 13.66 -16.39 5.91
N GLU B 91 12.63 -15.59 5.66
CA GLU B 91 11.58 -15.94 4.71
C GLU B 91 12.15 -16.30 3.34
N LEU B 92 13.14 -15.55 2.87
CA LEU B 92 13.71 -15.80 1.56
C LEU B 92 14.53 -17.10 1.53
N VAL B 93 15.32 -17.37 2.59
CA VAL B 93 16.04 -18.64 2.67
C VAL B 93 15.06 -19.80 2.66
N MET B 94 13.98 -19.68 3.43
CA MET B 94 13.01 -20.75 3.55
C MET B 94 12.36 -21.05 2.20
N GLN B 95 12.24 -20.04 1.34
CA GLN B 95 11.75 -20.28 -0.02
C GLN B 95 12.62 -21.30 -0.74
N PHE B 96 13.93 -21.07 -0.76
CA PHE B 96 14.83 -22.02 -1.42
C PHE B 96 14.80 -23.39 -0.75
N VAL B 97 14.65 -23.40 0.58
CA VAL B 97 14.41 -24.66 1.29
C VAL B 97 13.20 -25.38 0.69
N CYS B 98 12.08 -24.67 0.57
CA CYS B 98 10.84 -25.28 0.13
C CYS B 98 10.93 -25.80 -1.31
N ASP B 99 11.67 -25.11 -2.17
CA ASP B 99 11.80 -25.57 -3.55
C ASP B 99 12.97 -26.53 -3.72
N GLY B 100 13.44 -27.11 -2.62
CA GLY B 100 14.51 -28.08 -2.64
C GLY B 100 15.86 -27.57 -3.07
N ASP B 101 16.00 -26.26 -3.29
CA ASP B 101 17.29 -25.70 -3.70
C ASP B 101 18.27 -25.50 -2.56
N LEU B 102 17.89 -25.82 -1.32
CA LEU B 102 18.72 -25.49 -0.16
C LEU B 102 18.35 -26.40 1.00
N ASP B 103 19.37 -26.93 1.67
CA ASP B 103 19.20 -27.92 2.71
C ASP B 103 19.52 -27.30 4.07
N LEU B 104 18.54 -27.28 4.97
CA LEU B 104 18.70 -26.61 6.25
C LEU B 104 19.78 -27.24 7.12
N ASP B 105 20.03 -28.54 6.96
CA ASP B 105 20.99 -29.27 7.78
C ASP B 105 22.24 -29.63 7.00
N ASP B 106 22.38 -29.11 5.79
CA ASP B 106 23.61 -29.32 5.04
C ASP B 106 24.74 -28.52 5.65
N PRO B 107 25.92 -29.10 5.83
CA PRO B 107 27.08 -28.30 6.27
C PRO B 107 27.41 -27.21 5.27
N LEU B 108 27.69 -26.00 5.80
CA LEU B 108 28.03 -24.84 4.97
C LEU B 108 29.18 -25.08 4.03
N ALA B 109 30.06 -26.04 4.31
CA ALA B 109 31.26 -26.21 3.49
C ALA B 109 30.96 -26.63 2.06
N GLY B 110 29.71 -26.96 1.74
CA GLY B 110 29.28 -27.14 0.38
C GLY B 110 28.84 -25.87 -0.33
N LEU B 111 28.89 -24.71 0.34
CA LEU B 111 28.44 -23.45 -0.25
C LEU B 111 29.31 -22.27 0.19
N PRO B 122 35.92 -25.46 11.77
CA PRO B 122 35.61 -24.06 11.45
C PRO B 122 34.17 -23.83 10.97
N LEU B 123 33.95 -22.71 10.27
CA LEU B 123 32.64 -22.36 9.75
C LEU B 123 32.01 -23.47 8.92
N GLY B 124 32.84 -24.36 8.35
CA GLY B 124 32.33 -25.33 7.39
C GLY B 124 31.30 -26.29 7.95
N THR B 125 31.32 -26.51 9.26
CA THR B 125 30.42 -27.45 9.91
C THR B 125 29.09 -26.82 10.34
N ALA B 126 29.02 -25.49 10.40
CA ALA B 126 27.76 -24.84 10.73
C ALA B 126 26.74 -25.05 9.60
N THR B 127 25.47 -24.87 9.92
CA THR B 127 24.36 -25.20 9.02
C THR B 127 23.43 -23.99 8.86
N VAL B 128 22.69 -23.98 7.76
CA VAL B 128 21.69 -22.94 7.52
C VAL B 128 20.70 -22.86 8.68
N ARG B 129 20.22 -24.01 9.17
CA ARG B 129 19.33 -23.99 10.32
C ARG B 129 19.97 -23.34 11.54
N GLN B 130 21.27 -23.58 11.75
CA GLN B 130 21.96 -22.93 12.87
C GLN B 130 22.10 -21.44 12.65
N LEU B 131 22.38 -21.02 11.41
CA LEU B 131 22.49 -19.60 11.12
C LEU B 131 21.16 -18.90 11.36
N LEU B 132 20.07 -19.47 10.85
CA LEU B 132 18.75 -18.90 11.01
C LEU B 132 18.40 -18.69 12.47
N SER B 133 18.94 -19.52 13.36
CA SER B 133 18.56 -19.50 14.77
C SER B 133 19.66 -18.97 15.67
N HIS B 134 20.71 -18.38 15.09
CA HIS B 134 21.82 -17.83 15.88
C HIS B 134 22.43 -18.89 16.79
N THR B 135 22.50 -20.13 16.32
CA THR B 135 23.11 -21.18 17.11
C THR B 135 24.40 -21.70 16.49
N ALA B 136 24.93 -21.02 15.47
CA ALA B 136 26.06 -21.53 14.72
C ALA B 136 27.39 -21.14 15.33
N GLY B 137 27.38 -20.36 16.41
CA GLY B 137 28.58 -19.94 17.09
C GLY B 137 29.37 -18.88 16.37
N VAL B 138 28.78 -18.20 15.40
CA VAL B 138 29.44 -17.09 14.73
C VAL B 138 29.47 -15.86 15.63
N VAL B 139 30.54 -15.06 15.52
CA VAL B 139 30.59 -13.84 16.31
C VAL B 139 29.55 -12.85 15.79
N ASP B 140 29.19 -11.90 16.64
CA ASP B 140 28.15 -10.94 16.29
C ASP B 140 28.56 -10.06 15.10
N SER B 141 29.69 -9.37 15.22
CA SER B 141 30.11 -8.40 14.22
C SER B 141 31.53 -8.71 13.75
N ILE B 142 31.70 -8.80 12.44
CA ILE B 142 33.00 -8.91 11.80
C ILE B 142 33.12 -7.72 10.87
N GLU B 143 34.10 -6.85 11.11
CA GLU B 143 34.38 -5.71 10.22
C GLU B 143 34.53 -6.20 8.79
N TYR B 144 33.77 -5.60 7.91
CA TYR B 144 34.06 -5.70 6.49
C TYR B 144 33.50 -4.47 5.81
N ASP B 145 34.16 -3.35 6.06
CA ASP B 145 33.82 -2.07 5.47
C ASP B 145 34.38 -1.91 4.08
N GLU B 146 35.15 -2.86 3.61
CA GLU B 146 35.75 -2.81 2.29
C GLU B 146 34.84 -3.40 1.22
N MET B 147 33.65 -3.87 1.59
CA MET B 147 32.73 -4.49 0.63
C MET B 147 32.25 -3.45 -0.37
N ARG B 148 32.39 -3.75 -1.66
CA ARG B 148 32.02 -2.79 -2.69
C ARG B 148 30.76 -3.17 -3.43
N GLY B 149 30.67 -4.39 -3.94
CA GLY B 149 29.61 -4.74 -4.85
C GLY B 149 28.43 -5.42 -4.20
N PRO B 150 27.56 -6.02 -5.02
CA PRO B 150 26.45 -6.81 -4.45
C PRO B 150 26.86 -8.21 -4.02
N SER B 151 28.04 -8.69 -4.40
CA SER B 151 28.42 -10.05 -4.05
C SER B 151 28.89 -10.15 -2.60
N TYR B 152 28.42 -11.18 -1.91
CA TYR B 152 28.81 -11.52 -0.54
C TYR B 152 29.86 -12.64 -0.47
N ARG B 153 30.32 -13.16 -1.61
CA ARG B 153 31.21 -14.32 -1.59
C ARG B 153 32.50 -14.03 -0.82
N ARG B 154 33.10 -12.89 -1.10
CA ARG B 154 34.37 -12.58 -0.50
C ARG B 154 34.20 -12.15 0.96
N PHE B 155 33.04 -11.59 1.32
CA PHE B 155 32.68 -11.43 2.73
C PHE B 155 32.78 -12.76 3.48
N ALA B 156 32.24 -13.80 2.87
CA ALA B 156 32.25 -15.12 3.50
C ALA B 156 33.66 -15.60 3.79
N ALA B 157 34.61 -15.31 2.89
CA ALA B 157 35.99 -15.69 3.14
C ALA B 157 36.52 -15.03 4.41
N ALA B 158 36.26 -13.74 4.58
CA ALA B 158 36.72 -13.03 5.76
C ALA B 158 36.19 -13.66 7.04
N CYS B 159 34.93 -14.09 7.04
CA CYS B 159 34.36 -14.70 8.24
C CYS B 159 35.07 -15.97 8.61
N ALA B 160 35.55 -16.70 7.60
CA ALA B 160 36.18 -17.98 7.83
C ALA B 160 37.55 -17.82 8.51
N ARG B 161 38.21 -16.67 8.33
CA ARG B 161 39.45 -16.37 9.03
C ARG B 161 39.22 -15.86 10.44
N GLN B 162 38.00 -15.98 10.98
CA GLN B 162 37.61 -15.51 12.30
C GLN B 162 37.35 -16.70 13.21
N PRO B 163 37.88 -16.69 14.42
CA PRO B 163 37.62 -17.82 15.34
C PRO B 163 36.14 -17.88 15.74
N ALA B 164 35.69 -19.09 16.05
CA ALA B 164 34.30 -19.35 16.39
C ALA B 164 34.06 -19.12 17.87
N LEU B 165 32.81 -18.79 18.21
CA LEU B 165 32.49 -18.55 19.61
C LEU B 165 32.48 -19.85 20.39
N PHE B 166 31.97 -20.89 19.79
CA PHE B 166 31.85 -22.21 20.41
C PHE B 166 31.52 -23.16 19.27
N PRO B 167 31.43 -24.47 19.49
CA PRO B 167 31.09 -25.36 18.39
C PRO B 167 29.63 -25.21 17.99
N PRO B 168 29.30 -25.44 16.73
CA PRO B 168 27.92 -25.21 16.27
C PRO B 168 26.91 -26.00 17.09
N GLY B 169 25.80 -25.34 17.43
CA GLY B 169 24.73 -25.97 18.15
C GLY B 169 24.82 -25.87 19.65
N LEU B 170 25.89 -25.31 20.19
CA LEU B 170 26.10 -25.35 21.63
C LEU B 170 25.13 -24.44 22.37
N ALA B 171 25.01 -23.19 21.91
CA ALA B 171 24.15 -22.22 22.58
C ALA B 171 23.75 -21.13 21.59
N PHE B 172 22.76 -20.36 21.99
CA PHE B 172 22.31 -19.22 21.19
C PHE B 172 23.27 -18.05 21.37
N SER B 173 23.69 -17.46 20.28
CA SER B 173 24.40 -16.19 20.37
C SER B 173 24.01 -15.33 19.18
N TYR B 174 23.26 -14.26 19.43
CA TYR B 174 22.81 -13.38 18.35
C TYR B 174 23.98 -12.94 17.49
N SER B 175 23.81 -13.01 16.18
CA SER B 175 24.88 -12.71 15.24
C SER B 175 24.31 -12.01 14.01
N ASN B 176 24.72 -10.75 13.80
CA ASN B 176 24.48 -10.11 12.51
C ASN B 176 25.27 -10.79 11.41
N THR B 177 26.52 -11.14 11.69
CA THR B 177 27.34 -11.82 10.70
C THR B 177 26.71 -13.14 10.26
N GLY B 178 26.03 -13.82 11.17
CA GLY B 178 25.36 -15.06 10.82
C GLY B 178 24.37 -14.86 9.69
N TYR B 179 23.59 -13.78 9.75
CA TYR B 179 22.61 -13.54 8.69
C TYR B 179 23.28 -13.03 7.43
N CYS B 180 24.45 -12.41 7.56
CA CYS B 180 25.16 -11.92 6.38
C CYS B 180 25.74 -13.08 5.58
N LEU B 181 26.15 -14.15 6.27
CA LEU B 181 26.48 -15.38 5.56
C LEU B 181 25.27 -15.98 4.87
N LEU B 182 24.08 -15.84 5.47
CA LEU B 182 22.88 -16.31 4.77
C LEU B 182 22.71 -15.55 3.47
N GLY B 183 23.08 -14.27 3.46
CA GLY B 183 23.21 -13.55 2.21
C GLY B 183 24.13 -14.27 1.24
N ALA B 184 25.25 -14.80 1.73
CA ALA B 184 26.13 -15.54 0.82
C ALA B 184 25.53 -16.89 0.45
N VAL B 185 24.80 -17.53 1.38
CA VAL B 185 24.16 -18.80 1.08
C VAL B 185 23.04 -18.61 0.06
N ILE B 186 22.19 -17.58 0.24
CA ILE B 186 21.17 -17.29 -0.75
C ILE B 186 21.80 -17.09 -2.11
N GLU B 187 22.91 -16.35 -2.15
CA GLU B 187 23.56 -16.06 -3.42
C GLU B 187 24.16 -17.31 -4.04
N ALA B 188 24.60 -18.26 -3.21
CA ALA B 188 25.09 -19.52 -3.74
C ALA B 188 23.94 -20.37 -4.27
N ALA B 189 22.88 -20.55 -3.47
CA ALA B 189 21.72 -21.33 -3.86
C ALA B 189 21.07 -20.77 -5.11
N SER B 190 20.44 -19.60 -4.99
CA SER B 190 20.05 -18.84 -6.18
C SER B 190 21.30 -18.49 -6.96
N GLY B 191 21.11 -18.01 -8.17
CA GLY B 191 22.27 -17.45 -8.84
C GLY B 191 22.32 -15.94 -8.67
N MET B 192 21.58 -15.43 -7.69
CA MET B 192 21.30 -14.01 -7.59
C MET B 192 21.97 -13.41 -6.36
N ASP B 193 22.37 -12.15 -6.47
CA ASP B 193 22.80 -11.45 -5.27
C ASP B 193 21.61 -11.30 -4.34
N TRP B 194 21.92 -10.98 -3.07
CA TRP B 194 20.88 -10.91 -2.05
C TRP B 194 19.82 -9.84 -2.39
N TRP B 195 20.24 -8.65 -2.84
CA TRP B 195 19.26 -7.61 -3.20
C TRP B 195 18.31 -8.10 -4.28
N THR B 196 18.86 -8.69 -5.34
CA THR B 196 18.06 -9.12 -6.48
C THR B 196 17.13 -10.28 -6.09
N ALA B 197 17.66 -11.24 -5.33
CA ALA B 197 16.83 -12.34 -4.85
C ALA B 197 15.76 -11.86 -3.89
N MET B 198 16.13 -11.02 -2.92
CA MET B 198 15.14 -10.44 -2.00
C MET B 198 14.07 -9.67 -2.76
N ASP B 199 14.46 -8.94 -3.80
CA ASP B 199 13.47 -8.21 -4.59
C ASP B 199 12.63 -9.19 -5.45
N SER B 200 13.27 -9.98 -6.29
CA SER B 200 12.49 -10.76 -7.26
C SER B 200 11.76 -11.95 -6.63
N CYS B 201 12.23 -12.49 -5.51
CA CYS B 201 11.60 -13.70 -4.96
C CYS B 201 10.62 -13.44 -3.83
N LEU B 202 10.71 -12.29 -3.14
CA LEU B 202 9.88 -12.10 -1.96
C LEU B 202 9.13 -10.77 -1.94
N LEU B 203 9.87 -9.64 -2.07
CA LEU B 203 9.22 -8.33 -1.99
C LEU B 203 8.25 -8.13 -3.17
N ARG B 204 8.68 -8.43 -4.39
CA ARG B 204 7.84 -8.20 -5.55
C ARG B 204 6.55 -9.03 -5.55
N PRO B 205 6.57 -10.35 -5.32
CA PRO B 205 5.29 -11.08 -5.26
C PRO B 205 4.42 -10.69 -4.08
N LEU B 206 4.97 -10.05 -3.05
CA LEU B 206 4.18 -9.58 -1.92
C LEU B 206 3.58 -8.21 -2.17
N GLY B 207 4.02 -7.50 -3.21
CA GLY B 207 3.58 -6.15 -3.41
C GLY B 207 4.35 -5.11 -2.63
N ILE B 208 5.55 -5.43 -2.16
CA ILE B 208 6.37 -4.48 -1.40
C ILE B 208 7.31 -3.76 -2.36
N GLU B 209 7.33 -2.45 -2.28
CA GLU B 209 8.27 -1.64 -3.04
C GLU B 209 9.67 -1.75 -2.43
N PRO B 210 10.62 -2.42 -3.08
CA PRO B 210 11.93 -2.63 -2.46
C PRO B 210 12.67 -1.32 -2.22
N ALA B 211 13.24 -1.20 -1.02
CA ALA B 211 14.11 -0.10 -0.63
C ALA B 211 15.11 -0.65 0.38
N PHE B 212 16.35 -0.14 0.32
CA PHE B 212 17.41 -0.57 1.20
C PHE B 212 18.18 0.65 1.71
N LEU B 213 18.93 0.47 2.82
CA LEU B 213 19.88 1.49 3.27
C LEU B 213 20.95 1.74 2.22
N HIS B 214 21.49 0.68 1.64
CA HIS B 214 22.48 0.76 0.58
C HIS B 214 22.13 -0.27 -0.49
N ASP B 215 22.05 0.17 -1.73
CA ASP B 215 21.90 -0.72 -2.88
C ASP B 215 23.15 -0.56 -3.74
N PRO B 216 24.03 -1.56 -3.81
CA PRO B 216 25.30 -1.41 -4.53
C PRO B 216 25.26 -1.80 -5.99
N ARG B 217 24.08 -2.13 -6.53
CA ARG B 217 23.90 -2.60 -7.89
C ARG B 217 23.88 -1.43 -8.86
N PRO B 218 24.33 -1.63 -10.11
CA PRO B 218 24.23 -0.56 -11.11
C PRO B 218 22.79 -0.16 -11.34
N GLY B 219 22.59 1.10 -11.72
CA GLY B 219 21.28 1.58 -12.12
C GLY B 219 20.67 2.63 -11.21
N GLN B 220 21.33 2.99 -10.13
CA GLN B 220 20.74 3.88 -9.13
C GLN B 220 21.04 5.35 -9.46
N GLY B 221 20.78 6.23 -8.50
CA GLY B 221 20.73 7.64 -8.76
C GLY B 221 19.36 8.14 -9.15
N GLY B 222 18.42 7.23 -9.43
CA GLY B 222 17.08 7.62 -9.82
C GLY B 222 16.18 7.91 -8.63
N ALA B 223 14.97 8.40 -8.95
CA ALA B 223 13.97 8.73 -7.95
C ALA B 223 13.47 7.46 -7.26
N ALA B 224 13.58 7.42 -5.94
CA ALA B 224 13.37 6.21 -5.15
C ALA B 224 12.08 6.30 -4.34
N ARG B 225 11.80 5.23 -3.62
CA ARG B 225 10.73 5.22 -2.66
C ARG B 225 10.96 6.32 -1.61
N PRO B 226 9.91 7.03 -1.18
CA PRO B 226 10.09 7.99 -0.07
C PRO B 226 10.52 7.25 1.20
N VAL B 227 11.49 7.84 1.90
CA VAL B 227 12.08 7.20 3.07
C VAL B 227 12.11 8.17 4.25
N ALA B 228 12.17 7.63 5.46
CA ALA B 228 12.25 8.45 6.64
C ALA B 228 13.69 8.53 7.07
N GLU B 229 14.13 9.72 7.43
CA GLU B 229 15.41 9.89 8.11
C GLU B 229 15.25 9.63 9.60
N GLY B 230 16.42 9.38 10.26
CA GLY B 230 16.46 9.21 11.71
C GLY B 230 16.63 10.54 12.46
N HIS B 231 16.21 10.54 13.73
CA HIS B 231 16.16 11.74 14.53
C HIS B 231 16.55 11.42 15.97
N ALA B 232 17.13 12.42 16.62
CA ALA B 232 17.58 12.32 17.99
C ALA B 232 17.65 13.71 18.58
N LEU B 233 17.26 13.82 19.85
CA LEU B 233 17.34 15.09 20.57
C LEU B 233 18.79 15.51 20.79
N ARG B 234 19.12 16.71 20.35
CA ARG B 234 20.42 17.31 20.65
C ARG B 234 20.34 18.10 21.95
N ALA B 235 21.45 18.07 22.70
CA ALA B 235 21.60 18.81 23.95
C ALA B 235 21.00 20.21 23.85
N GLY B 236 20.06 20.50 24.75
CA GLY B 236 19.37 21.77 24.71
C GLY B 236 18.36 21.90 23.60
N GLY B 237 18.06 20.81 22.89
CA GLY B 237 17.15 20.88 21.77
C GLY B 237 15.71 20.88 22.20
N GLU B 238 14.89 21.38 21.29
CA GLU B 238 13.45 21.52 21.47
C GLU B 238 12.69 20.32 20.93
N ARG B 239 13.20 19.72 19.86
CA ARG B 239 12.59 18.58 19.19
C ARG B 239 13.72 17.72 18.65
N ALA B 240 13.41 16.47 18.28
CA ALA B 240 14.46 15.61 17.75
C ALA B 240 14.87 16.09 16.35
N GLU B 241 16.17 16.11 16.11
CA GLU B 241 16.71 16.58 14.83
C GLU B 241 17.43 15.46 14.09
N HIS B 242 17.73 15.74 12.82
CA HIS B 242 18.38 14.78 11.95
C HIS B 242 19.58 14.12 12.61
N VAL B 243 19.68 12.79 12.47
CA VAL B 243 20.84 12.05 12.94
C VAL B 243 21.27 11.12 11.81
N ASP B 244 22.56 11.16 11.46
CA ASP B 244 23.09 10.31 10.43
C ASP B 244 23.33 8.92 11.01
N HIS B 245 22.49 7.95 10.65
CA HIS B 245 22.85 6.55 10.88
C HIS B 245 24.12 6.24 10.08
N MET B 246 25.02 5.48 10.64
CA MET B 246 25.97 4.85 9.75
C MET B 246 25.90 3.34 9.94
N ALA B 247 25.42 2.70 8.89
CA ALA B 247 25.37 1.26 8.74
C ALA B 247 26.23 0.91 7.54
N SER B 248 27.19 0.00 7.74
CA SER B 248 28.06 -0.38 6.64
C SER B 248 27.29 -1.26 5.64
N LEU B 249 27.74 -1.23 4.40
CA LEU B 249 27.08 -1.95 3.32
C LEU B 249 26.89 -3.43 3.63
N SER B 250 27.89 -4.03 4.31
CA SER B 250 27.90 -5.47 4.47
C SER B 250 26.81 -5.97 5.40
N LEU B 251 26.18 -5.10 6.15
CA LEU B 251 25.12 -5.54 7.04
C LEU B 251 23.78 -5.74 6.33
N ALA B 252 23.72 -5.59 5.00
CA ALA B 252 22.45 -5.54 4.29
C ALA B 252 21.49 -6.67 4.67
N ALA B 253 21.91 -7.92 4.49
CA ALA B 253 21.00 -9.04 4.73
C ALA B 253 20.66 -9.23 6.19
N ALA B 254 21.36 -8.55 7.10
CA ALA B 254 21.00 -8.59 8.52
C ALA B 254 20.25 -7.34 8.98
N GLY B 255 20.44 -6.18 8.34
CA GLY B 255 19.79 -4.96 8.78
C GLY B 255 19.47 -3.89 7.74
N GLY B 256 19.52 -4.22 6.46
CA GLY B 256 19.54 -3.23 5.42
C GLY B 256 18.25 -2.94 4.66
N LEU B 257 17.14 -3.62 4.98
CA LEU B 257 15.89 -3.38 4.27
C LEU B 257 15.17 -2.14 4.81
N VAL B 258 14.40 -1.50 3.95
CA VAL B 258 13.70 -0.27 4.27
C VAL B 258 12.27 -0.39 3.75
N GLY B 259 11.29 -0.32 4.64
CA GLY B 259 9.91 -0.44 4.20
C GLY B 259 8.98 0.02 5.29
N SER B 260 7.70 -0.24 5.07
CA SER B 260 6.66 0.33 5.91
C SER B 260 6.14 -0.69 6.92
N ALA B 261 5.41 -0.18 7.91
CA ALA B 261 4.76 -1.07 8.85
C ALA B 261 3.81 -2.01 8.13
N THR B 262 3.07 -1.48 7.16
CA THR B 262 2.14 -2.32 6.40
C THR B 262 2.88 -3.40 5.61
N ASP B 263 4.03 -3.06 5.02
CA ASP B 263 4.90 -4.04 4.38
C ASP B 263 5.21 -5.21 5.34
N LEU B 264 5.70 -4.90 6.55
CA LEU B 264 6.03 -5.94 7.51
C LEU B 264 4.82 -6.78 7.86
N VAL B 265 3.66 -6.14 8.04
CA VAL B 265 2.45 -6.90 8.34
C VAL B 265 2.02 -7.73 7.14
N THR B 266 2.39 -7.32 5.93
CA THR B 266 2.10 -8.15 4.78
C THR B 266 3.05 -9.34 4.69
N ALA B 267 4.34 -9.16 5.05
CA ALA B 267 5.27 -10.28 5.14
C ALA B 267 4.81 -11.30 6.16
N ALA B 268 4.00 -10.88 7.13
CA ALA B 268 3.52 -11.79 8.15
C ALA B 268 2.27 -12.57 7.75
N ARG B 269 1.49 -12.11 6.78
CA ARG B 269 0.21 -12.78 6.51
C ARG B 269 0.33 -14.30 6.36
N PRO B 270 1.36 -14.86 5.70
CA PRO B 270 1.39 -16.33 5.53
C PRO B 270 1.57 -17.11 6.82
N HIS B 271 1.97 -16.47 7.92
CA HIS B 271 2.20 -17.17 9.18
C HIS B 271 0.93 -17.38 9.98
N LEU B 272 -0.14 -16.71 9.62
CA LEU B 272 -1.35 -16.70 10.43
C LEU B 272 -2.23 -17.92 10.12
N ALA B 273 -3.04 -18.28 11.11
CA ALA B 273 -4.00 -19.36 10.92
C ALA B 273 -4.86 -19.12 9.68
N ASP B 274 -5.30 -17.87 9.44
CA ASP B 274 -6.14 -17.51 8.30
C ASP B 274 -5.35 -17.32 6.98
N ARG B 275 -4.18 -17.96 6.86
CA ARG B 275 -3.30 -17.71 5.72
C ARG B 275 -3.95 -18.03 4.37
N LYS B 276 -4.95 -18.90 4.34
CA LYS B 276 -5.61 -19.18 3.07
C LYS B 276 -6.34 -17.96 2.48
N THR B 277 -6.72 -16.99 3.31
CA THR B 277 -7.28 -15.76 2.78
C THR B 277 -6.25 -14.90 2.04
N PHE B 278 -4.96 -15.19 2.17
CA PHE B 278 -3.93 -14.33 1.59
C PHE B 278 -3.62 -14.83 0.20
N ALA B 279 -3.68 -13.93 -0.79
CA ALA B 279 -3.49 -14.35 -2.18
C ALA B 279 -2.16 -15.05 -2.38
N GLN B 280 -1.11 -14.55 -1.74
CA GLN B 280 0.24 -15.06 -1.99
C GLN B 280 0.73 -16.01 -0.90
N HIS B 281 -0.18 -16.74 -0.25
CA HIS B 281 0.22 -17.63 0.84
C HIS B 281 1.13 -18.75 0.35
N ASP B 282 1.05 -19.08 -0.94
CA ASP B 282 1.93 -20.08 -1.55
C ASP B 282 3.39 -19.64 -1.58
N LEU B 283 3.66 -18.33 -1.48
CA LEU B 283 5.02 -17.81 -1.41
C LEU B 283 5.79 -18.42 -0.24
N LEU B 284 5.08 -18.78 0.83
CA LEU B 284 5.70 -19.38 2.01
C LEU B 284 4.76 -20.47 2.50
N PRO B 285 5.05 -21.73 2.16
CA PRO B 285 4.16 -22.84 2.54
C PRO B 285 4.04 -23.03 4.05
N GLU B 286 2.94 -23.68 4.44
CA GLU B 286 2.65 -23.91 5.85
C GLU B 286 3.84 -24.50 6.61
N ASP B 287 4.51 -25.49 6.01
CA ASP B 287 5.57 -26.17 6.71
C ASP B 287 6.71 -25.22 7.07
N ALA B 288 7.01 -24.27 6.18
CA ALA B 288 8.08 -23.30 6.43
C ALA B 288 7.69 -22.35 7.56
N VAL B 289 6.49 -21.78 7.45
CA VAL B 289 5.93 -20.93 8.49
C VAL B 289 6.05 -21.60 9.86
N LEU B 290 5.63 -22.86 9.94
CA LEU B 290 5.73 -23.55 11.22
C LEU B 290 7.19 -23.73 11.62
N ALA B 291 8.06 -24.02 10.65
CA ALA B 291 9.48 -24.12 10.97
C ALA B 291 10.02 -22.80 11.52
N MET B 292 9.60 -21.67 10.94
CA MET B 292 10.16 -20.37 11.33
C MET B 292 9.87 -20.06 12.78
N ARG B 293 8.76 -20.54 13.32
CA ARG B 293 8.40 -20.22 14.69
C ARG B 293 8.55 -21.40 15.65
N THR B 294 8.99 -22.57 15.18
CA THR B 294 9.29 -23.67 16.09
C THR B 294 10.67 -23.40 16.72
N CYS B 295 10.70 -23.09 17.99
CA CYS B 295 11.92 -22.64 18.63
C CYS B 295 12.91 -23.79 18.84
N VAL B 296 14.16 -23.43 19.02
CA VAL B 296 15.23 -24.40 19.21
C VAL B 296 15.23 -24.84 20.68
N PRO B 297 15.19 -26.13 20.96
CA PRO B 297 15.19 -26.57 22.36
C PRO B 297 16.56 -26.37 23.01
N ASP B 298 16.52 -26.22 24.32
CA ASP B 298 17.70 -26.10 25.18
C ASP B 298 18.74 -25.12 24.65
N ALA B 299 18.29 -24.02 24.03
CA ALA B 299 19.17 -22.92 23.60
C ALA B 299 18.38 -21.63 23.85
N GLU B 300 18.24 -21.28 25.12
CA GLU B 300 17.52 -20.07 25.49
C GLU B 300 18.25 -18.83 24.94
N PRO B 301 17.53 -17.88 24.33
CA PRO B 301 18.17 -16.61 23.91
C PRO B 301 18.21 -15.64 25.09
N PHE B 302 19.05 -15.99 26.07
CA PHE B 302 18.99 -15.39 27.39
C PHE B 302 19.16 -13.87 27.31
N GLY B 303 18.23 -13.16 27.95
CA GLY B 303 18.26 -11.72 27.97
C GLY B 303 17.61 -11.03 26.79
N LEU B 304 17.03 -11.76 25.85
CA LEU B 304 16.39 -11.18 24.67
C LEU B 304 15.00 -11.74 24.39
N ALA B 305 14.81 -13.04 24.53
CA ALA B 305 13.58 -13.72 24.15
C ALA B 305 13.48 -15.00 24.97
N ASP B 306 12.28 -15.60 24.96
CA ASP B 306 12.10 -16.90 25.60
C ASP B 306 12.49 -18.06 24.70
N GLY B 307 12.49 -17.85 23.40
CA GLY B 307 12.99 -18.83 22.46
C GLY B 307 13.21 -18.17 21.13
N TRP B 308 14.00 -18.84 20.30
CA TRP B 308 14.22 -18.38 18.95
C TRP B 308 13.98 -19.52 17.97
N GLY B 309 13.29 -19.21 16.89
CA GLY B 309 13.07 -20.10 15.78
C GLY B 309 13.97 -19.75 14.62
N LEU B 310 13.47 -19.95 13.41
CA LEU B 310 14.20 -19.59 12.20
C LEU B 310 13.66 -18.23 11.76
N GLY B 311 14.36 -17.17 12.19
CA GLY B 311 14.03 -15.83 11.83
C GLY B 311 13.00 -15.15 12.70
N LEU B 312 12.51 -15.82 13.75
CA LEU B 312 11.52 -15.26 14.65
C LEU B 312 11.94 -15.56 16.07
N MET B 313 11.70 -14.63 16.99
CA MET B 313 11.80 -14.90 18.42
C MET B 313 10.42 -15.11 19.02
N ARG B 314 10.39 -15.70 20.22
CA ARG B 314 9.16 -15.90 20.97
C ARG B 314 9.21 -15.15 22.30
N HIS B 315 8.13 -14.44 22.61
CA HIS B 315 7.86 -13.92 23.96
C HIS B 315 6.62 -14.60 24.50
N GLY B 316 6.67 -15.05 25.77
CA GLY B 316 5.62 -15.88 26.30
C GLY B 316 5.85 -17.33 25.90
N THR B 317 4.93 -18.21 26.34
CA THR B 317 5.18 -19.65 26.25
C THR B 317 4.13 -20.39 25.45
N GLY B 318 2.91 -20.53 25.96
CA GLY B 318 1.97 -21.41 25.30
C GLY B 318 1.09 -20.72 24.28
N ASP B 319 -0.23 -20.78 24.48
CA ASP B 319 -1.15 -20.08 23.60
C ASP B 319 -0.93 -18.58 23.67
N GLY B 320 -0.49 -18.08 24.81
CA GLY B 320 -0.18 -16.68 25.04
C GLY B 320 1.09 -16.18 24.42
N ALA B 321 1.82 -17.01 23.67
CA ALA B 321 3.11 -16.60 23.14
C ALA B 321 2.96 -15.81 21.84
N TRP B 322 3.82 -14.81 21.69
CA TRP B 322 3.92 -14.00 20.48
C TRP B 322 5.29 -14.19 19.85
N TYR B 323 5.34 -13.99 18.53
CA TYR B 323 6.53 -14.10 17.72
C TYR B 323 6.79 -12.79 17.00
N GLY B 324 8.02 -12.57 16.60
CA GLY B 324 8.35 -11.27 16.05
C GLY B 324 9.85 -11.06 16.01
N HIS B 325 10.21 -9.80 15.76
CA HIS B 325 11.58 -9.32 15.68
C HIS B 325 11.59 -7.84 16.04
N ASP B 326 12.75 -7.34 16.50
CA ASP B 326 13.00 -5.93 16.76
C ASP B 326 14.16 -5.44 15.92
N GLY B 327 14.27 -4.12 15.81
CA GLY B 327 15.40 -3.52 15.13
C GLY B 327 15.53 -2.03 15.34
N ALA B 328 16.74 -1.53 15.09
CA ALA B 328 17.03 -0.10 15.25
C ALA B 328 18.28 0.27 14.45
N VAL B 329 18.14 1.23 13.55
CA VAL B 329 19.25 1.86 12.82
C VAL B 329 19.24 3.34 13.20
N GLY B 330 20.31 3.80 13.86
CA GLY B 330 20.40 5.18 14.28
C GLY B 330 19.18 5.70 15.02
N GLY B 331 18.64 6.81 14.56
CA GLY B 331 17.48 7.36 15.21
C GLY B 331 16.16 6.79 14.73
N ALA B 332 16.10 5.49 14.52
CA ALA B 332 14.86 4.86 14.09
C ALA B 332 14.75 3.49 14.74
N SER B 333 13.52 3.03 14.93
CA SER B 333 13.27 1.69 15.40
C SER B 333 12.10 1.11 14.63
N CYS B 334 11.93 -0.20 14.83
CA CYS B 334 10.97 -1.02 14.10
C CYS B 334 10.67 -2.27 14.92
N ASN B 335 9.39 -2.62 15.05
CA ASN B 335 8.94 -3.75 15.86
C ASN B 335 7.86 -4.52 15.10
N LEU B 336 8.01 -5.84 15.04
CA LEU B 336 7.03 -6.74 14.45
C LEU B 336 6.58 -7.78 15.48
N ARG B 337 5.27 -7.98 15.59
CA ARG B 337 4.74 -9.00 16.47
C ARG B 337 3.67 -9.78 15.74
N ILE B 338 3.76 -11.10 15.80
CA ILE B 338 2.82 -12.01 15.14
C ILE B 338 2.24 -12.98 16.17
N HIS B 339 0.91 -13.11 16.19
CA HIS B 339 0.28 -14.18 16.95
C HIS B 339 -0.41 -15.10 15.95
N PRO B 340 0.25 -16.17 15.52
CA PRO B 340 -0.31 -17.01 14.44
C PRO B 340 -1.71 -17.52 14.69
N ASP B 341 -1.99 -18.08 15.87
CA ASP B 341 -3.29 -18.74 16.06
C ASP B 341 -4.43 -17.74 16.01
N ARG B 342 -4.22 -16.55 16.55
CA ARG B 342 -5.26 -15.51 16.51
C ARG B 342 -5.30 -14.76 15.17
N SER B 343 -4.50 -15.18 14.18
CA SER B 343 -4.38 -14.49 12.91
C SER B 343 -4.22 -12.97 13.10
N LEU B 344 -3.23 -12.61 13.91
CA LEU B 344 -2.99 -11.26 14.38
C LEU B 344 -1.54 -10.88 14.08
N ALA B 345 -1.35 -9.73 13.43
CA ALA B 345 -0.02 -9.20 13.19
C ALA B 345 -0.03 -7.69 13.41
N LEU B 346 1.12 -7.18 13.82
CA LEU B 346 1.24 -5.83 14.35
C LEU B 346 2.66 -5.35 14.05
N ALA B 347 2.79 -4.18 13.45
CA ALA B 347 4.12 -3.63 13.21
C ALA B 347 4.11 -2.14 13.50
N LEU B 348 5.23 -1.67 14.02
CA LEU B 348 5.42 -0.25 14.30
C LEU B 348 6.79 0.15 13.78
N THR B 349 6.84 1.21 12.98
CA THR B 349 8.10 1.84 12.63
C THR B 349 8.11 3.24 13.24
N ALA B 350 9.31 3.75 13.53
CA ALA B 350 9.40 5.06 14.16
C ALA B 350 10.78 5.62 13.84
N ASN B 351 10.82 6.91 13.51
CA ASN B 351 12.05 7.54 13.03
C ASN B 351 12.55 8.61 13.99
N SER B 352 12.46 8.33 15.28
CA SER B 352 13.28 9.05 16.25
C SER B 352 13.69 8.07 17.34
N THR B 353 14.75 8.43 18.07
CA THR B 353 15.26 7.59 19.15
C THR B 353 14.24 7.40 20.27
N ALA B 354 13.14 8.13 20.27
CA ALA B 354 12.06 7.82 21.22
C ALA B 354 11.26 6.57 20.82
N GLY B 355 11.46 6.03 19.61
CA GLY B 355 10.73 4.87 19.14
C GLY B 355 10.58 3.75 20.16
N PRO B 356 11.67 3.32 20.80
CA PRO B 356 11.57 2.19 21.74
C PRO B 356 10.61 2.43 22.87
N LYS B 357 10.58 3.65 23.43
CA LYS B 357 9.64 3.96 24.51
C LYS B 357 8.22 4.09 23.98
N LEU B 358 8.05 4.54 22.73
CA LEU B 358 6.73 4.48 22.12
C LEU B 358 6.27 3.03 22.04
N TRP B 359 7.16 2.14 21.64
CA TRP B 359 6.82 0.72 21.57
C TRP B 359 6.47 0.16 22.94
N GLU B 360 7.33 0.40 23.93
CA GLU B 360 7.05 -0.07 25.29
C GLU B 360 5.71 0.47 25.79
N ALA B 361 5.40 1.72 25.45
CA ALA B 361 4.10 2.27 25.82
C ALA B 361 2.96 1.58 25.09
N LEU B 362 3.15 1.27 23.81
CA LEU B 362 2.10 0.58 23.04
C LEU B 362 1.78 -0.77 23.65
N VAL B 363 2.81 -1.53 24.02
CA VAL B 363 2.60 -2.83 24.67
C VAL B 363 1.88 -2.69 26.00
N ALA B 364 2.13 -1.59 26.72
CA ALA B 364 1.50 -1.38 28.03
C ALA B 364 0.02 -1.05 27.88
N ARG B 365 -0.32 -0.25 26.89
CA ARG B 365 -1.65 0.31 26.77
C ARG B 365 -2.53 -0.42 25.77
N LEU B 366 -1.93 -1.07 24.77
CA LEU B 366 -2.73 -1.80 23.78
C LEU B 366 -3.67 -2.84 24.39
N PRO B 367 -3.39 -3.44 25.55
CA PRO B 367 -4.42 -4.26 26.20
C PRO B 367 -5.74 -3.54 26.38
N GLU B 368 -5.73 -2.22 26.55
CA GLU B 368 -6.96 -1.43 26.72
C GLU B 368 -7.81 -1.38 25.45
N ALA B 369 -7.50 -2.22 24.47
CA ALA B 369 -8.39 -2.45 23.34
C ALA B 369 -8.18 -3.86 22.79
N GLY B 370 -7.91 -4.81 23.69
CA GLY B 370 -7.89 -6.21 23.35
C GLY B 370 -6.55 -6.77 22.95
N LEU B 371 -5.63 -5.91 22.51
CA LEU B 371 -4.35 -6.37 21.98
C LEU B 371 -3.40 -6.55 23.13
N ASP B 372 -3.33 -7.78 23.65
CA ASP B 372 -2.43 -8.11 24.75
C ASP B 372 -1.16 -8.76 24.19
N VAL B 373 -0.32 -7.90 23.60
CA VAL B 373 0.96 -8.36 23.08
C VAL B 373 1.82 -8.89 24.21
N GLY B 374 2.54 -9.96 23.95
CA GLY B 374 3.42 -10.51 24.96
C GLY B 374 4.66 -9.68 25.15
N HIS B 375 5.27 -9.85 26.32
CA HIS B 375 6.47 -9.13 26.70
C HIS B 375 7.57 -10.13 27.07
N TYR B 376 8.80 -9.63 27.15
CA TYR B 376 9.93 -10.39 27.70
C TYR B 376 10.58 -9.55 28.80
N ALA B 377 10.67 -10.11 30.00
CA ALA B 377 11.33 -9.45 31.11
C ALA B 377 12.50 -10.30 31.58
N LEU B 378 13.63 -9.63 31.85
CA LEU B 378 14.78 -10.32 32.39
C LEU B 378 14.44 -10.88 33.76
N PRO B 379 14.99 -12.02 34.15
CA PRO B 379 14.87 -12.44 35.55
C PRO B 379 15.68 -11.53 36.45
N VAL B 380 15.18 -11.31 37.66
CA VAL B 380 16.01 -10.62 38.64
C VAL B 380 16.12 -11.59 39.82
N PRO B 381 17.34 -11.89 40.27
CA PRO B 381 17.57 -13.11 41.05
C PRO B 381 16.70 -13.21 42.30
N ASP B 382 16.45 -14.46 42.72
CA ASP B 382 15.62 -14.70 43.88
C ASP B 382 16.37 -14.40 45.17
N SER B 383 17.62 -14.86 45.28
CA SER B 383 18.28 -14.82 46.58
C SER B 383 19.61 -14.09 46.57
N ALA B 384 20.48 -14.40 47.57
CA ALA B 384 21.66 -13.72 48.03
C ALA B 384 22.89 -14.10 47.21
N PRO B 385 23.79 -13.15 47.02
CA PRO B 385 25.02 -13.44 46.29
C PRO B 385 25.73 -14.65 46.87
N LEU B 386 26.29 -15.46 45.98
CA LEU B 386 27.00 -16.66 46.37
C LEU B 386 28.48 -16.36 46.55
N ALA B 387 29.24 -17.42 46.83
CA ALA B 387 30.66 -17.28 47.09
C ALA B 387 31.36 -16.73 45.85
N PRO B 388 32.35 -15.88 46.02
CA PRO B 388 33.10 -15.36 44.88
C PRO B 388 33.98 -16.40 44.20
N ASP B 389 33.38 -17.37 43.52
CA ASP B 389 34.13 -18.42 42.83
C ASP B 389 35.20 -17.80 41.93
N ALA B 390 36.47 -18.01 42.29
CA ALA B 390 37.58 -17.55 41.45
C ALA B 390 37.78 -18.42 40.22
N GLY B 391 37.02 -19.50 40.08
CA GLY B 391 37.06 -20.31 38.89
C GLY B 391 36.33 -19.64 37.75
N HIS B 392 35.85 -18.42 38.00
CA HIS B 392 35.18 -17.62 36.99
C HIS B 392 36.09 -16.57 36.35
N LEU B 393 37.27 -16.31 36.92
CA LEU B 393 38.18 -15.29 36.39
C LEU B 393 38.54 -15.57 34.94
N GLY B 394 38.86 -14.52 34.21
CA GLY B 394 39.38 -14.64 32.87
C GLY B 394 38.85 -13.55 31.94
N THR B 395 39.17 -13.72 30.66
CA THR B 395 38.71 -12.85 29.60
C THR B 395 37.62 -13.55 28.79
N TYR B 396 36.56 -12.82 28.47
CA TYR B 396 35.47 -13.32 27.66
C TYR B 396 35.31 -12.42 26.45
N ALA B 397 35.13 -13.03 25.28
CA ALA B 397 35.15 -12.26 24.04
C ALA B 397 34.06 -12.74 23.10
N ASN B 398 33.53 -11.77 22.35
CA ASN B 398 32.64 -11.99 21.20
C ASN B 398 33.15 -11.01 20.14
N GLY B 399 34.00 -11.51 19.26
CA GLY B 399 34.56 -10.65 18.24
C GLY B 399 35.50 -9.66 18.91
N ASP B 400 35.31 -8.37 18.64
CA ASP B 400 36.17 -7.35 19.24
C ASP B 400 35.68 -6.88 20.61
N LEU B 401 34.46 -7.23 21.00
CA LEU B 401 33.94 -6.91 22.32
C LEU B 401 34.57 -7.82 23.35
N GLU B 402 35.03 -7.24 24.46
CA GLU B 402 35.75 -7.97 25.48
C GLU B 402 35.25 -7.55 26.85
N LEU B 403 35.25 -8.49 27.77
CA LEU B 403 34.89 -8.27 29.16
C LEU B 403 35.86 -9.11 30.00
N MET B 404 36.27 -8.59 31.16
CA MET B 404 37.10 -9.38 32.05
C MET B 404 36.41 -9.58 33.39
N VAL B 405 36.56 -10.77 33.94
CA VAL B 405 36.15 -11.04 35.30
C VAL B 405 37.42 -11.12 36.16
N THR B 406 37.53 -10.18 37.09
CA THR B 406 38.72 -9.96 37.90
C THR B 406 38.32 -9.96 39.36
N HIS B 407 39.32 -9.91 40.23
CA HIS B 407 39.10 -9.69 41.64
C HIS B 407 40.10 -8.66 42.15
N ASP B 408 39.75 -8.05 43.27
CA ASP B 408 40.67 -7.20 44.00
C ASP B 408 41.38 -8.06 45.06
N ALA B 409 42.24 -7.42 45.86
CA ALA B 409 42.90 -8.10 46.96
C ALA B 409 41.94 -8.43 48.10
N ALA B 410 40.74 -7.85 48.11
CA ALA B 410 39.77 -8.17 49.14
C ALA B 410 39.13 -9.55 48.92
N GLY B 411 38.91 -9.93 47.66
CA GLY B 411 38.22 -11.17 47.32
C GLY B 411 36.96 -10.99 46.48
N ASP B 412 36.48 -9.77 46.27
CA ASP B 412 35.25 -9.54 45.51
C ASP B 412 35.52 -9.54 44.00
N LEU B 413 34.48 -9.86 43.24
CA LEU B 413 34.57 -9.99 41.80
C LEU B 413 34.07 -8.75 41.06
N PHE B 414 34.77 -8.42 39.98
CA PHE B 414 34.43 -7.28 39.14
C PHE B 414 34.43 -7.71 37.68
N LEU B 415 33.54 -7.07 36.93
CA LEU B 415 33.51 -7.12 35.48
C LEU B 415 34.15 -5.84 34.95
N THR B 416 35.26 -5.96 34.24
CA THR B 416 35.90 -4.78 33.68
C THR B 416 35.67 -4.70 32.18
N ARG B 417 35.60 -3.47 31.70
CA ARG B 417 35.20 -3.21 30.33
C ARG B 417 35.90 -1.92 29.90
N GLU B 418 36.75 -2.00 28.88
CA GLU B 418 37.57 -0.85 28.51
C GLU B 418 36.73 0.41 28.37
N SER B 419 37.28 1.53 28.85
CA SER B 419 36.66 2.85 28.88
C SER B 419 35.37 2.88 29.69
N TYR B 420 35.11 1.88 30.52
CA TYR B 420 33.98 1.90 31.43
C TYR B 420 34.48 1.72 32.85
N SER B 421 33.74 2.28 33.82
CA SER B 421 33.95 1.91 35.20
C SER B 421 33.81 0.41 35.39
N ASP B 422 34.50 -0.13 36.39
CA ASP B 422 34.32 -1.54 36.70
C ASP B 422 32.92 -1.77 37.27
N TYR B 423 32.37 -2.95 37.00
CA TYR B 423 31.08 -3.34 37.57
C TYR B 423 31.30 -4.21 38.80
N ARG B 424 30.42 -4.10 39.78
CA ARG B 424 30.37 -5.09 40.86
C ARG B 424 29.57 -6.30 40.40
N LEU B 425 30.19 -7.47 40.44
CA LEU B 425 29.60 -8.71 39.91
C LEU B 425 29.14 -9.60 41.06
N SER B 426 27.84 -9.80 41.18
CA SER B 426 27.29 -10.75 42.15
C SER B 426 26.88 -12.04 41.45
N LEU B 427 27.36 -13.17 41.94
CA LEU B 427 26.91 -14.47 41.44
C LEU B 427 25.64 -14.89 42.18
N HIS B 428 24.72 -15.52 41.44
CA HIS B 428 23.44 -15.94 41.99
C HIS B 428 23.13 -17.38 41.59
N GLU B 429 21.98 -17.85 42.08
CA GLU B 429 21.50 -19.19 41.77
C GLU B 429 21.35 -19.38 40.27
N ASP B 430 21.41 -20.64 39.83
CA ASP B 430 21.19 -21.03 38.44
C ASP B 430 22.19 -20.39 37.49
N ASP B 431 23.42 -20.17 37.95
CA ASP B 431 24.51 -19.62 37.15
C ASP B 431 24.19 -18.21 36.61
N LEU B 432 23.22 -17.52 37.18
CA LEU B 432 22.97 -16.13 36.82
C LEU B 432 23.94 -15.19 37.55
N PHE B 433 24.05 -13.97 37.03
CA PHE B 433 24.82 -12.91 37.67
C PHE B 433 24.17 -11.57 37.38
N VAL B 434 24.43 -10.60 38.27
CA VAL B 434 24.12 -9.20 38.00
C VAL B 434 25.40 -8.41 38.15
N ALA B 435 25.79 -7.71 37.10
CA ALA B 435 26.88 -6.76 37.16
C ALA B 435 26.25 -5.38 37.37
N ARG B 436 26.58 -4.76 38.50
CA ARG B 436 26.08 -3.44 38.82
C ARG B 436 27.17 -2.42 38.52
N SER B 437 26.87 -1.45 37.67
CA SER B 437 27.91 -0.52 37.24
C SER B 437 28.29 0.44 38.36
N GLY B 438 29.55 0.86 38.32
CA GLY B 438 30.04 1.86 39.27
C GLY B 438 29.65 3.28 38.89
N GLU B 439 29.26 3.49 37.64
CA GLU B 439 28.76 4.79 37.23
C GLU B 439 27.26 4.73 37.01
N PRO B 440 26.50 5.67 37.58
CA PRO B 440 25.03 5.63 37.43
C PRO B 440 24.57 5.83 36.00
N GLY B 441 25.39 6.42 35.13
CA GLY B 441 24.94 6.56 33.76
C GLY B 441 25.03 5.29 32.92
N ALA B 442 25.59 4.21 33.44
CA ALA B 442 25.69 2.98 32.67
C ALA B 442 24.70 1.96 33.21
N LEU B 443 24.13 1.15 32.30
CA LEU B 443 23.15 0.15 32.67
C LEU B 443 23.79 -1.03 33.38
N PRO B 444 23.07 -1.65 34.31
CA PRO B 444 23.52 -2.93 34.87
C PRO B 444 23.35 -4.04 33.83
N ILE B 445 23.99 -5.16 34.11
CA ILE B 445 24.01 -6.30 33.21
C ILE B 445 23.52 -7.50 34.00
N THR B 446 22.45 -8.12 33.52
CA THR B 446 22.00 -9.38 34.08
C THR B 446 22.21 -10.45 33.02
N GLY B 447 23.00 -11.45 33.36
CA GLY B 447 23.29 -12.48 32.43
C GLY B 447 23.42 -13.81 33.14
N ARG B 448 24.07 -14.77 32.49
CA ARG B 448 24.31 -16.08 33.07
C ARG B 448 25.61 -16.62 32.51
N PHE B 449 26.22 -17.53 33.26
CA PHE B 449 27.34 -18.29 32.73
C PHE B 449 26.82 -19.60 32.16
N VAL B 450 27.52 -20.12 31.15
CA VAL B 450 27.16 -21.37 30.50
C VAL B 450 28.36 -22.31 30.56
N ARG B 451 28.13 -23.55 30.94
CA ARG B 451 29.12 -24.62 30.85
C ARG B 451 28.80 -25.54 29.68
N GLU B 452 29.84 -26.00 28.98
CA GLU B 452 29.71 -27.03 27.94
C GLU B 452 29.42 -28.42 28.49
N HIS B 453 29.48 -28.62 29.81
CA HIS B 453 29.26 -29.93 30.42
C HIS B 453 29.12 -29.72 31.92
N PRO B 454 28.25 -30.47 32.60
CA PRO B 454 27.90 -30.10 33.98
C PRO B 454 29.07 -30.18 34.95
N ALA B 455 30.05 -31.04 34.70
CA ALA B 455 31.29 -31.05 35.47
C ALA B 455 32.31 -30.06 34.95
N GLY B 456 32.05 -29.44 33.81
CA GLY B 456 32.99 -28.58 33.15
C GLY B 456 33.10 -27.22 33.80
N PRO B 457 34.13 -26.49 33.41
CA PRO B 457 34.29 -25.10 33.85
C PRO B 457 33.39 -24.16 33.04
N VAL B 458 33.28 -22.93 33.54
CA VAL B 458 32.49 -21.92 32.86
C VAL B 458 33.07 -21.70 31.46
N ALA B 459 32.26 -21.95 30.44
CA ALA B 459 32.74 -21.72 29.08
C ALA B 459 32.29 -20.36 28.52
N LEU B 460 31.07 -19.95 28.80
CA LEU B 460 30.52 -18.72 28.24
C LEU B 460 29.92 -17.85 29.32
N LEU B 461 30.02 -16.54 29.06
CA LEU B 461 29.17 -15.50 29.64
C LEU B 461 28.11 -15.09 28.62
N GLN B 462 26.84 -15.10 29.02
CA GLN B 462 25.72 -14.73 28.15
C GLN B 462 24.90 -13.59 28.73
N TYR B 463 24.71 -12.53 27.94
CA TYR B 463 23.74 -11.49 28.29
C TYR B 463 23.27 -10.77 27.04
N GLY B 464 22.06 -10.21 27.10
CA GLY B 464 21.54 -9.47 25.96
C GLY B 464 21.48 -10.29 24.69
N GLY B 465 21.33 -11.62 24.81
CA GLY B 465 21.27 -12.50 23.69
C GLY B 465 22.59 -12.81 23.03
N ARG B 466 23.68 -12.23 23.51
CA ARG B 466 25.01 -12.52 22.98
C ARG B 466 25.74 -13.42 23.97
N ALA B 467 26.65 -14.25 23.43
CA ALA B 467 27.55 -15.04 24.23
C ALA B 467 28.97 -14.50 24.07
N MET B 468 29.72 -14.56 25.16
CA MET B 468 31.12 -14.13 25.17
C MET B 468 31.98 -15.32 25.56
N HIS B 469 32.89 -15.72 24.68
CA HIS B 469 33.65 -16.95 24.89
C HIS B 469 34.87 -16.69 25.77
N ARG B 470 34.99 -17.47 26.84
CA ARG B 470 36.15 -17.37 27.75
C ARG B 470 37.42 -17.87 27.07
N LEU B 471 38.41 -17.00 26.95
CA LEU B 471 39.68 -17.36 26.27
C LEU B 471 40.60 -18.19 27.20
S SO4 C . 0.71 -11.93 -28.20
O1 SO4 C . -0.04 -13.17 -28.40
O2 SO4 C . 0.31 -10.97 -29.23
O3 SO4 C . 2.14 -12.18 -28.29
O4 SO4 C . 0.40 -11.39 -26.88
C1 MLI D . -20.92 -1.75 8.34
C2 MLI D . -21.99 -1.71 7.24
C3 MLI D . -21.15 -2.60 9.60
O6 MLI D . -22.26 -2.73 6.62
O7 MLI D . -22.51 -0.60 6.98
O8 MLI D . -21.03 -3.82 9.53
O9 MLI D . -21.43 -2.00 10.65
S SO4 E . -8.38 -10.75 18.99
O1 SO4 E . -8.07 -12.16 18.70
O2 SO4 E . -9.09 -10.15 17.86
O3 SO4 E . -9.22 -10.68 20.19
O4 SO4 E . -7.15 -10.01 19.24
Y YT3 F . 38.68 -3.89 7.60
S SO4 G . 21.26 -0.11 39.26
O1 SO4 G . 19.96 -0.19 38.56
O2 SO4 G . 22.18 0.73 38.48
O3 SO4 G . 21.07 0.50 40.57
O4 SO4 G . 21.84 -1.45 39.41
S SO4 H . 20.34 20.20 10.67
O1 SO4 H . 19.48 19.30 9.90
O2 SO4 H . 20.78 21.30 9.80
O3 SO4 H . 19.60 20.74 11.81
O4 SO4 H . 21.49 19.48 11.19
#